data_3PBB
#
_entry.id   3PBB
#
_cell.length_a   155.753
_cell.length_b   155.753
_cell.length_c   80.516
_cell.angle_alpha   90.00
_cell.angle_beta   90.00
_cell.angle_gamma   120.00
#
_symmetry.space_group_name_H-M   'H 3'
#
loop_
_entity.id
_entity.type
_entity.pdbx_description
1 polymer 'Glutaminyl-peptide cyclotransferase'
2 non-polymer 1-(3,4-dimethoxyphenyl)-3-[3-(1H-imidazol-1-yl)propyl]thiourea
3 non-polymer 'ZINC ION'
4 water water
#
_entity_poly.entity_id   1
_entity_poly.type   'polypeptide(L)'
_entity_poly.pdbx_seq_one_letter_code
;ASAWPEEKNYHQPAILNSSALRQIAEGTSISEMWQNDLQPLLIERYPGSPGSYAARQHIMQRIQRLQADWVLEIDTFLSQ
TPYGYRSFSNIISTLNPTAKRHLVLACHYDSKYFSHWNNRVFVGATDSAVPCAMMLELARALDKKLLSLKTVSDSKPDLS
LQLIFFDGEEAFLHWSPQDSLYGSRHLAAKMASTPHPPGARGTSQLHGMDLLVLLDLIGAPNPTFPNFFPNSARWFERLQ
AIEHELHELGLLKDHSLEGRYFQNYSYGGVIQDDHIPFLRRGVPVLHLIPSPFPEVWHTMDDNEENLDESTIDNLNKILQ
VFVLEYLHL
;
_entity_poly.pdbx_strand_id   A,B
#
loop_
_chem_comp.id
_chem_comp.type
_chem_comp.name
_chem_comp.formula
PBD non-polymer 1-(3,4-dimethoxyphenyl)-3-[3-(1H-imidazol-1-yl)propyl]thiourea 'C15 H20 N4 O2 S'
ZN non-polymer 'ZINC ION' 'Zn 2'
#
# COMPACT_ATOMS: atom_id res chain seq x y z
N ALA A 1 24.52 -4.27 22.60
CA ALA A 1 23.52 -3.32 21.99
C ALA A 1 23.74 -3.14 20.48
N SER A 2 23.59 -1.90 20.01
CA SER A 2 23.75 -1.52 18.59
C SER A 2 23.99 -0.02 18.61
N ALA A 3 24.41 0.54 17.47
CA ALA A 3 24.93 1.91 17.41
C ALA A 3 23.91 2.91 16.82
N TRP A 4 23.16 2.47 15.80
CA TRP A 4 22.15 3.31 15.14
C TRP A 4 21.17 4.09 16.11
N PRO A 5 20.82 3.53 17.30
CA PRO A 5 19.85 4.31 18.10
C PRO A 5 20.38 5.72 18.45
N GLU A 6 21.70 5.86 18.50
CA GLU A 6 22.29 7.15 18.83
C GLU A 6 22.36 8.20 17.70
N GLU A 7 21.98 7.87 16.47
CA GLU A 7 22.07 8.84 15.36
C GLU A 7 21.13 10.08 15.54
N LYS A 8 20.01 9.89 16.26
CA LYS A 8 19.04 10.99 16.52
C LYS A 8 19.69 12.19 17.24
N ASN A 9 20.46 11.89 18.29
CA ASN A 9 21.35 12.86 19.01
C ASN A 9 22.20 13.74 18.12
N TYR A 10 22.84 13.15 17.12
CA TYR A 10 23.75 13.92 16.28
C TYR A 10 23.13 14.35 14.99
N HIS A 11 21.87 13.92 14.74
CA HIS A 11 21.19 14.25 13.47
C HIS A 11 21.03 15.76 13.27
N GLN A 12 21.21 16.22 12.04
CA GLN A 12 21.15 17.64 11.77
C GLN A 12 20.30 17.76 10.57
N PRO A 13 19.58 18.88 10.45
CA PRO A 13 18.70 19.11 9.29
C PRO A 13 19.45 19.43 7.98
N ALA A 14 18.77 19.32 6.84
CA ALA A 14 19.32 19.79 5.60
C ALA A 14 18.55 21.05 5.30
N ILE A 15 19.08 22.16 5.81
CA ILE A 15 18.48 23.49 5.64
C ILE A 15 18.06 23.79 4.18
N LEU A 16 16.88 24.37 4.00
CA LEU A 16 16.33 24.68 2.66
C LEU A 16 16.60 26.15 2.24
N ASN A 17 16.68 26.40 0.93
CA ASN A 17 17.03 27.73 0.39
C ASN A 17 15.81 28.49 -0.12
N SER A 18 15.95 29.81 -0.32
CA SER A 18 14.81 30.69 -0.63
C SER A 18 13.90 30.20 -1.71
N SER A 19 14.46 29.48 -2.68
CA SER A 19 13.69 29.03 -3.81
C SER A 19 12.82 27.85 -3.41
N ALA A 20 13.38 26.94 -2.62
CA ALA A 20 12.69 25.72 -2.22
C ALA A 20 11.52 26.10 -1.30
N LEU A 21 11.84 26.95 -0.33
CA LEU A 21 10.90 27.51 0.61
C LEU A 21 9.67 28.09 -0.08
N ARG A 22 9.87 28.79 -1.20
CA ARG A 22 8.73 29.33 -1.96
C ARG A 22 7.93 28.18 -2.51
N GLN A 23 8.63 27.15 -2.98
CA GLN A 23 7.93 26.02 -3.57
C GLN A 23 7.08 25.22 -2.55
N ILE A 24 7.58 25.08 -1.33
CA ILE A 24 6.82 24.51 -0.20
C ILE A 24 5.59 25.36 0.09
N ALA A 25 5.82 26.66 0.35
CA ALA A 25 4.74 27.59 0.73
C ALA A 25 3.62 27.59 -0.29
N GLU A 26 4.02 27.45 -1.56
CA GLU A 26 3.07 27.43 -2.63
C GLU A 26 2.45 26.08 -2.79
N GLY A 27 3.14 25.02 -2.39
CA GLY A 27 2.67 23.66 -2.60
C GLY A 27 1.60 23.19 -1.61
N THR A 28 1.54 23.82 -0.43
CA THR A 28 0.45 23.53 0.52
C THR A 28 -0.82 24.35 0.24
N SER A 29 -2.00 23.73 0.30
CA SER A 29 -3.23 24.42 -0.03
C SER A 29 -4.23 24.48 1.16
N ILE A 30 -4.43 25.66 1.74
CA ILE A 30 -5.29 25.77 2.94
C ILE A 30 -6.76 25.40 2.66
N SER A 31 -7.29 25.76 1.48
CA SER A 31 -8.71 25.52 1.26
C SER A 31 -9.02 24.10 0.79
N GLU A 32 -8.03 23.43 0.19
CA GLU A 32 -8.12 21.99 -0.05
C GLU A 32 -8.14 21.22 1.30
N MET A 33 -7.19 21.56 2.18
CA MET A 33 -7.19 20.96 3.53
C MET A 33 -8.59 21.16 4.16
N TRP A 34 -9.06 22.40 4.09
CA TRP A 34 -10.29 22.83 4.75
C TRP A 34 -11.46 21.97 4.31
N GLN A 35 -11.63 21.88 2.98
CA GLN A 35 -12.77 21.19 2.42
C GLN A 35 -12.62 19.68 2.53
N ASN A 36 -11.43 19.17 2.22
CA ASN A 36 -11.27 17.73 2.02
C ASN A 36 -10.75 16.98 3.21
N ASP A 37 -10.07 17.68 4.11
CA ASP A 37 -9.40 16.99 5.24
C ASP A 37 -10.09 17.36 6.55
N LEU A 38 -10.40 18.63 6.71
CA LEU A 38 -10.96 19.15 7.95
C LEU A 38 -12.44 19.00 8.06
N GLN A 39 -13.19 19.58 7.13
CA GLN A 39 -14.62 19.57 7.33
C GLN A 39 -15.18 18.17 7.60
N PRO A 40 -14.69 17.12 6.93
CA PRO A 40 -15.35 15.88 7.35
C PRO A 40 -15.05 15.41 8.79
N LEU A 41 -13.97 15.87 9.42
CA LEU A 41 -13.68 15.49 10.82
C LEU A 41 -14.43 16.32 11.87
N LEU A 42 -15.08 17.39 11.45
CA LEU A 42 -15.83 18.29 12.37
C LEU A 42 -17.18 17.66 12.80
N ILE A 43 -17.08 16.54 13.48
CA ILE A 43 -18.19 15.73 13.91
C ILE A 43 -17.85 15.18 15.32
N GLU A 44 -18.85 14.87 16.11
CA GLU A 44 -18.67 14.13 17.37
C GLU A 44 -18.00 12.79 17.07
N ARG A 45 -16.92 12.45 17.76
CA ARG A 45 -16.11 11.23 17.46
C ARG A 45 -15.42 10.69 18.73
N TYR A 46 -16.19 10.66 19.81
CA TYR A 46 -15.70 10.05 21.03
C TYR A 46 -15.60 8.55 20.80
N PRO A 47 -14.73 7.85 21.58
CA PRO A 47 -14.43 6.45 21.40
C PRO A 47 -15.72 5.62 21.45
N GLY A 48 -15.81 4.70 20.49
CA GLY A 48 -17.04 3.92 20.27
C GLY A 48 -18.17 4.54 19.47
N SER A 49 -18.28 5.88 19.38
CA SER A 49 -19.39 6.54 18.64
C SER A 49 -19.45 6.17 17.12
N PRO A 50 -20.53 6.59 16.38
CA PRO A 50 -20.48 6.48 14.90
C PRO A 50 -19.38 7.38 14.27
N GLY A 51 -19.23 8.60 14.81
CA GLY A 51 -18.27 9.58 14.28
C GLY A 51 -16.85 9.03 14.46
N SER A 52 -16.59 8.26 15.50
CA SER A 52 -15.27 7.74 15.67
C SER A 52 -14.93 6.78 14.53
N TYR A 53 -15.86 5.88 14.20
CA TYR A 53 -15.63 4.98 13.06
C TYR A 53 -15.49 5.81 11.80
N ALA A 54 -16.32 6.83 11.67
CA ALA A 54 -16.26 7.66 10.49
C ALA A 54 -14.94 8.43 10.36
N ALA A 55 -14.39 8.90 11.49
CA ALA A 55 -13.20 9.75 11.46
C ALA A 55 -12.04 8.86 11.10
N ARG A 56 -12.04 7.63 11.64
CA ARG A 56 -10.98 6.70 11.38
C ARG A 56 -10.94 6.26 9.89
N GLN A 57 -12.14 6.04 9.29
CA GLN A 57 -12.31 5.67 7.86
C GLN A 57 -11.85 6.85 7.01
N HIS A 58 -12.27 8.07 7.36
CA HIS A 58 -11.74 9.24 6.67
C HIS A 58 -10.21 9.37 6.68
N ILE A 59 -9.57 9.24 7.85
CA ILE A 59 -8.15 9.45 7.96
C ILE A 59 -7.45 8.42 7.07
N MET A 60 -7.95 7.20 7.14
CA MET A 60 -7.29 6.11 6.45
C MET A 60 -7.45 6.19 4.95
N GLN A 61 -8.64 6.54 4.50
CA GLN A 61 -8.91 6.71 3.07
C GLN A 61 -8.09 7.82 2.48
N ARG A 62 -7.95 8.92 3.23
CA ARG A 62 -7.18 10.05 2.73
C ARG A 62 -5.68 9.74 2.61
N ILE A 63 -5.17 8.88 3.49
CA ILE A 63 -3.79 8.46 3.41
C ILE A 63 -3.61 7.42 2.27
N GLN A 64 -4.47 6.38 2.24
CA GLN A 64 -4.38 5.26 1.27
C GLN A 64 -4.37 5.69 -0.20
N ARG A 65 -4.95 6.86 -0.48
CA ARG A 65 -5.02 7.40 -1.83
C ARG A 65 -3.73 8.03 -2.34
N LEU A 66 -2.80 8.35 -1.44
CA LEU A 66 -1.52 8.95 -1.82
C LEU A 66 -0.58 7.99 -2.53
N GLN A 67 0.41 8.56 -3.21
CA GLN A 67 1.43 7.82 -3.97
C GLN A 67 2.45 7.14 -3.09
N ALA A 68 2.81 7.80 -1.98
CA ALA A 68 3.89 7.32 -1.13
C ALA A 68 3.47 5.98 -0.57
N ASP A 69 4.39 5.12 -0.22
CA ASP A 69 3.88 3.81 0.15
C ASP A 69 3.62 3.66 1.67
N TRP A 70 2.50 4.19 2.12
CA TRP A 70 2.15 4.28 3.55
C TRP A 70 1.60 2.95 3.96
N VAL A 71 2.16 2.36 5.04
CA VAL A 71 1.62 1.17 5.59
C VAL A 71 0.74 1.57 6.81
N LEU A 72 -0.57 1.28 6.72
CA LEU A 72 -1.55 1.61 7.74
C LEU A 72 -1.70 0.44 8.71
N GLU A 73 -1.68 0.72 10.02
CA GLU A 73 -1.99 -0.32 11.00
C GLU A 73 -2.98 0.33 11.96
N ILE A 74 -3.96 -0.43 12.44
CA ILE A 74 -4.83 0.02 13.53
C ILE A 74 -4.41 -0.75 14.80
N ASP A 75 -4.11 -0.04 15.90
CA ASP A 75 -3.78 -0.69 17.18
C ASP A 75 -5.16 -0.63 17.92
N THR A 76 -5.97 -1.66 17.80
CA THR A 76 -7.27 -1.75 18.49
C THR A 76 -7.13 -2.59 19.73
N PHE A 77 -7.72 -2.11 20.81
CA PHE A 77 -7.67 -2.84 22.06
C PHE A 77 -8.87 -2.39 22.93
N LEU A 78 -9.07 -3.14 23.99
CA LEU A 78 -10.07 -2.91 25.03
C LEU A 78 -9.47 -2.37 26.30
N SER A 79 -10.09 -1.35 26.86
CA SER A 79 -9.63 -0.86 28.13
C SER A 79 -10.82 -0.49 29.10
N GLN A 80 -10.60 -0.64 30.40
CA GLN A 80 -11.60 -0.24 31.45
C GLN A 80 -11.75 1.29 31.43
N THR A 81 -12.95 1.81 31.22
CA THR A 81 -13.26 3.21 31.44
C THR A 81 -14.26 3.38 32.64
N PRO A 82 -14.53 4.63 33.09
CA PRO A 82 -15.59 4.81 34.09
C PRO A 82 -16.93 4.30 33.60
N TYR A 83 -17.07 4.11 32.31
CA TYR A 83 -18.33 3.61 31.78
C TYR A 83 -18.15 2.18 31.25
N GLY A 84 -17.37 1.36 31.91
CA GLY A 84 -17.16 0.01 31.45
C GLY A 84 -16.01 -0.16 30.45
N TYR A 85 -15.77 -1.44 30.11
CA TYR A 85 -14.67 -1.80 29.21
C TYR A 85 -15.07 -1.29 27.82
N ARG A 86 -14.16 -0.61 27.10
CA ARG A 86 -14.48 -0.01 25.79
C ARG A 86 -13.41 -0.32 24.76
N SER A 87 -13.78 -0.16 23.49
CA SER A 87 -12.86 -0.32 22.39
C SER A 87 -12.23 0.99 21.90
N PHE A 88 -10.92 0.92 21.76
CA PHE A 88 -10.16 2.06 21.27
C PHE A 88 -9.27 1.59 20.08
N SER A 89 -9.02 2.52 19.17
CA SER A 89 -8.28 2.21 17.94
C SER A 89 -7.33 3.32 17.53
N ASN A 90 -6.06 3.10 17.82
CA ASN A 90 -5.04 4.06 17.37
C ASN A 90 -4.75 3.80 15.89
N ILE A 91 -4.54 4.85 15.10
CA ILE A 91 -4.17 4.65 13.68
C ILE A 91 -2.72 4.98 13.48
N ILE A 92 -1.95 4.03 12.91
CA ILE A 92 -0.51 4.26 12.71
C ILE A 92 -0.26 4.17 11.21
N SER A 93 0.56 5.10 10.72
CA SER A 93 0.79 5.30 9.29
C SER A 93 2.28 5.39 9.11
N THR A 94 2.90 4.42 8.44
CA THR A 94 4.36 4.40 8.43
C THR A 94 4.93 4.28 6.98
N LEU A 95 5.87 5.13 6.61
CA LEU A 95 6.70 4.82 5.42
C LEU A 95 7.89 4.03 5.86
N ASN A 96 8.28 3.03 5.07
CA ASN A 96 9.45 2.19 5.39
C ASN A 96 9.42 1.73 6.82
N PRO A 97 8.43 0.90 7.16
CA PRO A 97 8.18 0.39 8.53
C PRO A 97 9.34 -0.41 9.05
N THR A 98 10.12 -0.96 8.13
CA THR A 98 11.33 -1.65 8.44
C THR A 98 12.44 -0.57 8.46
N ALA A 99 12.26 0.70 8.21
CA ALA A 99 13.27 1.73 8.38
C ALA A 99 13.58 1.88 9.87
N LYS A 100 14.77 1.55 10.30
CA LYS A 100 15.33 1.69 11.65
C LYS A 100 14.87 2.92 12.45
N ARG A 101 14.91 4.11 11.83
CA ARG A 101 14.56 5.35 12.46
C ARG A 101 13.34 6.05 11.77
N HIS A 102 12.45 6.65 12.58
CA HIS A 102 11.38 7.48 12.04
C HIS A 102 11.21 8.78 12.80
N LEU A 103 11.08 9.87 12.09
CA LEU A 103 10.46 11.02 12.67
C LEU A 103 8.95 10.72 12.82
N VAL A 104 8.42 11.00 13.99
CA VAL A 104 7.00 10.65 14.26
C VAL A 104 6.22 11.94 14.50
N LEU A 105 5.25 12.21 13.65
CA LEU A 105 4.26 13.26 13.88
C LEU A 105 2.95 12.64 14.45
N ALA A 106 2.37 13.29 15.45
CA ALA A 106 1.21 12.68 16.14
C ALA A 106 0.18 13.71 16.62
N CYS A 107 -1.03 13.21 16.81
CA CYS A 107 -2.12 13.98 17.36
C CYS A 107 -3.19 12.99 17.78
N HIS A 108 -4.27 13.45 18.39
CA HIS A 108 -5.32 12.52 18.79
C HIS A 108 -6.50 12.79 17.93
N TYR A 109 -7.24 11.76 17.53
CA TYR A 109 -8.38 12.03 16.65
C TYR A 109 -9.77 11.94 17.33
N ASP A 110 -9.82 11.43 18.54
CA ASP A 110 -11.06 11.36 19.31
C ASP A 110 -11.44 12.77 19.73
N SER A 111 -12.73 12.98 20.00
CA SER A 111 -13.15 14.18 20.65
C SER A 111 -13.71 13.87 22.01
N LYS A 112 -13.62 14.87 22.86
CA LYS A 112 -14.17 14.76 24.21
C LYS A 112 -15.68 14.68 24.15
N TYR A 113 -16.26 13.75 24.91
CA TYR A 113 -17.72 13.74 25.06
C TYR A 113 -18.22 14.87 25.94
N PHE A 114 -19.19 15.65 25.44
CA PHE A 114 -19.95 16.60 26.26
C PHE A 114 -21.40 16.30 25.98
N SER A 115 -22.27 16.44 26.97
CA SER A 115 -23.68 16.19 26.68
C SER A 115 -24.14 17.41 25.88
N HIS A 116 -25.27 17.34 25.21
CA HIS A 116 -25.50 18.32 24.14
C HIS A 116 -26.12 19.61 24.61
N TRP A 117 -25.41 20.36 25.43
CA TRP A 117 -25.93 21.57 26.08
C TRP A 117 -26.42 22.57 25.08
N ASN A 118 -27.56 23.23 25.35
CA ASN A 118 -28.10 24.21 24.40
C ASN A 118 -28.24 23.72 22.96
N ASN A 119 -28.46 22.42 22.77
CA ASN A 119 -28.69 21.85 21.43
C ASN A 119 -27.45 21.87 20.52
N ARG A 120 -26.25 21.82 21.12
CA ARG A 120 -25.00 21.89 20.36
C ARG A 120 -24.19 20.67 20.72
N VAL A 121 -23.23 20.35 19.87
CA VAL A 121 -22.40 19.16 19.92
C VAL A 121 -20.94 19.55 19.88
N PHE A 122 -20.08 18.94 20.72
CA PHE A 122 -18.68 19.32 20.75
C PHE A 122 -17.95 18.63 19.59
N VAL A 123 -17.28 19.40 18.72
CA VAL A 123 -16.58 18.84 17.56
C VAL A 123 -15.08 19.01 17.71
N GLY A 124 -14.63 19.58 18.82
CA GLY A 124 -13.17 19.67 19.05
C GLY A 124 -12.38 20.18 17.83
N ALA A 125 -12.67 21.42 17.39
CA ALA A 125 -12.05 21.91 16.13
C ALA A 125 -10.51 22.07 16.32
N THR A 126 -10.06 22.86 17.31
CA THR A 126 -8.64 22.91 17.65
C THR A 126 -8.18 21.63 18.33
N ASP A 127 -9.13 20.87 18.82
CA ASP A 127 -8.85 19.80 19.81
C ASP A 127 -9.43 18.41 19.42
N SER A 128 -8.86 17.66 18.45
CA SER A 128 -7.76 18.09 17.59
C SER A 128 -8.04 17.94 16.08
N ALA A 129 -9.20 18.40 15.62
CA ALA A 129 -9.52 18.13 14.23
C ALA A 129 -8.50 18.81 13.33
N VAL A 130 -8.10 20.02 13.69
CA VAL A 130 -7.19 20.82 12.87
C VAL A 130 -5.81 20.14 12.85
N PRO A 131 -5.24 19.84 14.02
CA PRO A 131 -4.00 18.97 13.95
C PRO A 131 -4.11 17.70 13.08
N CYS A 132 -5.22 16.94 13.14
CA CYS A 132 -5.38 15.79 12.21
C CYS A 132 -5.32 16.23 10.72
N ALA A 133 -6.11 17.24 10.35
CA ALA A 133 -6.11 17.79 8.96
C ALA A 133 -4.72 18.30 8.50
N MET A 134 -3.99 18.95 9.42
CA MET A 134 -2.58 19.35 9.21
C MET A 134 -1.65 18.19 8.85
N MET A 135 -1.87 17.07 9.50
CA MET A 135 -1.07 15.88 9.22
C MET A 135 -1.42 15.30 7.87
N LEU A 136 -2.71 15.32 7.53
CA LEU A 136 -3.17 14.76 6.27
C LEU A 136 -2.77 15.69 5.12
N GLU A 137 -2.92 17.00 5.33
CA GLU A 137 -2.45 18.00 4.35
C GLU A 137 -0.92 17.91 4.16
N LEU A 138 -0.18 17.70 5.25
CA LEU A 138 1.26 17.44 5.14
C LEU A 138 1.60 16.25 4.24
N ALA A 139 0.92 15.14 4.49
CA ALA A 139 1.06 13.94 3.67
C ALA A 139 0.69 14.16 2.16
N ARG A 140 -0.35 14.98 1.91
CA ARG A 140 -0.75 15.32 0.56
C ARG A 140 0.36 16.20 -0.02
N ALA A 141 0.50 17.43 0.49
CA ALA A 141 1.47 18.40 -0.06
C ALA A 141 2.86 17.84 -0.28
N LEU A 142 3.31 16.96 0.62
CA LEU A 142 4.68 16.45 0.58
C LEU A 142 4.83 15.14 -0.19
N ASP A 143 3.70 14.64 -0.70
CA ASP A 143 3.60 13.31 -1.27
C ASP A 143 4.62 13.04 -2.38
N LYS A 144 4.84 14.02 -3.25
CA LYS A 144 5.74 13.85 -4.39
C LYS A 144 7.14 13.59 -3.86
N LYS A 145 7.49 14.30 -2.80
CA LYS A 145 8.81 14.21 -2.27
C LYS A 145 8.99 12.99 -1.37
N LEU A 146 7.95 12.60 -0.64
CA LEU A 146 8.02 11.35 0.18
C LEU A 146 8.23 10.04 -0.62
N LEU A 147 7.77 10.07 -1.87
CA LEU A 147 8.04 9.05 -2.89
C LEU A 147 9.45 8.52 -2.92
N SER A 148 10.37 9.47 -2.85
CA SER A 148 11.79 9.22 -2.83
C SER A 148 12.24 8.10 -1.86
N LEU A 149 11.50 7.95 -0.76
CA LEU A 149 11.80 6.93 0.26
C LEU A 149 11.54 5.50 -0.25
N LYS A 150 11.09 5.43 -1.50
CA LYS A 150 11.21 4.28 -2.43
C LYS A 150 9.86 3.70 -2.88
N PRO A 157 21.09 7.89 5.64
CA PRO A 157 20.53 7.40 6.93
C PRO A 157 19.23 6.59 6.70
N ASP A 158 19.03 5.51 7.47
CA ASP A 158 17.86 4.65 7.32
C ASP A 158 16.71 5.32 8.09
N LEU A 159 16.21 6.45 7.61
CA LEU A 159 15.35 7.25 8.42
C LEU A 159 14.14 7.65 7.62
N SER A 160 12.96 7.47 8.18
CA SER A 160 11.76 7.79 7.45
C SER A 160 10.69 8.53 8.31
N LEU A 161 9.43 8.36 7.94
CA LEU A 161 8.33 9.16 8.49
C LEU A 161 7.16 8.32 8.97
N GLN A 162 6.67 8.64 10.17
CA GLN A 162 5.50 7.99 10.72
C GLN A 162 4.48 9.01 11.25
N LEU A 163 3.21 8.69 11.03
CA LEU A 163 2.09 9.49 11.55
C LEU A 163 1.34 8.63 12.58
N ILE A 164 0.99 9.21 13.72
CA ILE A 164 0.18 8.51 14.68
C ILE A 164 -1.02 9.37 15.03
N PHE A 165 -2.22 8.80 14.90
CA PHE A 165 -3.45 9.44 15.33
C PHE A 165 -3.98 8.66 16.52
N PHE A 166 -3.86 9.25 17.72
CA PHE A 166 -4.14 8.50 18.92
C PHE A 166 -5.64 8.57 19.13
N ASP A 167 -6.20 7.45 19.55
CA ASP A 167 -7.58 7.41 20.09
C ASP A 167 -7.58 7.62 21.61
N GLY A 168 -8.71 8.02 22.18
CA GLY A 168 -8.89 8.18 23.65
C GLY A 168 -7.90 9.00 24.46
N GLU A 169 -7.53 10.13 23.90
CA GLU A 169 -6.66 11.05 24.57
C GLU A 169 -7.46 11.59 25.74
N GLU A 170 -8.71 11.97 25.47
CA GLU A 170 -9.56 12.56 26.48
C GLU A 170 -10.12 11.66 27.60
N ALA A 171 -10.24 12.28 28.77
CA ALA A 171 -11.03 11.70 29.84
C ALA A 171 -12.47 11.58 29.45
N PHE A 172 -13.06 10.46 29.87
CA PHE A 172 -14.49 10.26 29.76
C PHE A 172 -15.16 11.16 30.79
N LEU A 173 -14.63 11.16 32.02
CA LEU A 173 -15.29 11.89 33.13
C LEU A 173 -14.45 12.95 33.80
N HIS A 174 -13.33 12.60 34.41
CA HIS A 174 -12.43 13.65 34.79
C HIS A 174 -11.03 13.22 34.60
N TRP A 175 -10.26 14.16 34.09
CA TRP A 175 -8.87 13.96 33.76
C TRP A 175 -8.13 13.35 34.96
N SER A 176 -7.65 12.13 34.77
CA SER A 176 -6.86 11.46 35.83
C SER A 176 -6.00 10.40 35.18
N PRO A 177 -5.06 9.81 35.94
CA PRO A 177 -4.21 8.76 35.39
C PRO A 177 -4.96 7.61 34.74
N GLN A 178 -6.02 7.12 35.36
CA GLN A 178 -6.73 6.00 34.74
C GLN A 178 -7.92 6.44 33.90
N ASP A 179 -8.13 7.73 33.73
CA ASP A 179 -9.19 8.10 32.80
C ASP A 179 -8.63 9.21 31.91
N SER A 180 -7.78 8.83 30.95
CA SER A 180 -7.15 9.79 30.01
C SER A 180 -6.11 9.06 29.22
N LEU A 181 -5.77 9.59 28.08
CA LEU A 181 -4.54 9.00 27.39
C LEU A 181 -4.70 7.49 27.18
N TYR A 182 -5.88 7.05 26.79
CA TYR A 182 -6.04 5.59 26.72
C TYR A 182 -5.18 4.98 25.61
N GLY A 183 -5.24 5.66 24.46
CA GLY A 183 -4.54 5.23 23.25
C GLY A 183 -3.01 5.35 23.35
N SER A 184 -2.48 6.49 23.81
CA SER A 184 -1.00 6.65 23.85
C SER A 184 -0.41 5.76 24.92
N ARG A 185 -1.12 5.54 26.01
CA ARG A 185 -0.50 4.68 27.08
C ARG A 185 -0.38 3.24 26.57
N HIS A 186 -1.43 2.74 25.91
CA HIS A 186 -1.39 1.42 25.28
C HIS A 186 -0.29 1.24 24.20
N LEU A 187 -0.22 2.21 23.28
CA LEU A 187 0.69 2.16 22.17
C LEU A 187 2.17 2.26 22.61
N ALA A 188 2.48 3.17 23.54
CA ALA A 188 3.80 3.26 24.11
C ALA A 188 4.26 1.93 24.73
N ALA A 189 3.39 1.30 25.52
CA ALA A 189 3.67 -0.05 26.10
C ALA A 189 3.80 -1.12 25.02
N LYS A 190 2.95 -1.07 24.02
CA LYS A 190 3.06 -2.02 22.87
C LYS A 190 4.42 -1.84 22.16
N MET A 191 4.74 -0.60 21.82
CA MET A 191 6.01 -0.33 21.10
C MET A 191 7.25 -0.67 21.93
N ALA A 192 7.17 -0.42 23.23
CA ALA A 192 8.28 -0.70 24.12
C ALA A 192 8.64 -2.16 24.18
N SER A 193 7.68 -3.05 24.01
CA SER A 193 8.01 -4.47 24.17
C SER A 193 8.11 -5.16 22.81
N THR A 194 8.21 -4.38 21.74
CA THR A 194 8.30 -4.95 20.38
C THR A 194 9.70 -4.72 19.81
N PRO A 195 10.39 -5.80 19.47
CA PRO A 195 11.73 -5.59 18.91
C PRO A 195 11.70 -4.88 17.51
N HIS A 196 12.67 -3.96 17.30
CA HIS A 196 12.82 -3.19 16.07
C HIS A 196 14.29 -2.91 15.73
N PRO A 197 14.68 -3.10 14.44
CA PRO A 197 13.88 -3.67 13.34
C PRO A 197 13.57 -5.15 13.61
N PRO A 198 12.77 -5.83 12.77
CA PRO A 198 12.50 -7.17 13.28
C PRO A 198 13.74 -8.09 13.30
N GLY A 199 13.70 -9.09 14.18
CA GLY A 199 14.89 -9.87 14.45
C GLY A 199 15.81 -9.30 15.53
N ALA A 200 15.69 -7.99 15.82
CA ALA A 200 16.65 -7.33 16.76
C ALA A 200 16.60 -7.91 18.17
N ARG A 201 17.70 -7.79 18.93
CA ARG A 201 17.78 -8.37 20.29
C ARG A 201 17.70 -7.36 21.46
N GLY A 202 18.15 -6.13 21.25
CA GLY A 202 18.25 -5.16 22.36
C GLY A 202 17.54 -3.83 22.07
N THR A 203 16.86 -3.75 20.95
CA THR A 203 16.28 -2.47 20.56
C THR A 203 14.79 -2.69 20.30
N SER A 204 13.99 -1.65 20.57
CA SER A 204 12.55 -1.76 20.45
C SER A 204 12.08 -0.66 19.50
N GLN A 205 10.80 -0.67 19.18
CA GLN A 205 10.28 0.36 18.30
C GLN A 205 10.50 1.73 18.94
N LEU A 206 10.62 1.77 20.27
CA LEU A 206 10.87 3.08 20.89
C LEU A 206 12.26 3.60 20.58
N HIS A 207 13.26 2.71 20.53
CA HIS A 207 14.61 3.15 20.08
C HIS A 207 14.58 3.83 18.71
N GLY A 208 13.67 3.36 17.86
CA GLY A 208 13.52 3.90 16.53
C GLY A 208 12.86 5.24 16.43
N MET A 209 12.19 5.70 17.50
CA MET A 209 11.54 7.00 17.42
C MET A 209 12.58 8.12 17.61
N ASP A 210 13.06 8.73 16.51
CA ASP A 210 13.98 9.89 16.51
C ASP A 210 13.46 11.06 17.30
N LEU A 211 12.21 11.44 17.00
CA LEU A 211 11.60 12.61 17.58
C LEU A 211 10.04 12.46 17.47
N LEU A 212 9.35 12.69 18.58
CA LEU A 212 7.90 12.63 18.61
C LEU A 212 7.41 14.06 18.67
N VAL A 213 6.85 14.51 17.58
CA VAL A 213 6.25 15.83 17.44
C VAL A 213 4.71 15.68 17.58
N LEU A 214 4.14 16.24 18.65
CA LEU A 214 2.76 16.09 19.01
C LEU A 214 2.10 17.44 18.81
N LEU A 215 1.15 17.49 17.91
CA LEU A 215 0.38 18.68 17.69
C LEU A 215 -0.89 18.56 18.50
N ASP A 216 -1.29 19.62 19.19
CA ASP A 216 -2.55 19.63 19.96
C ASP A 216 -2.98 21.07 20.10
N LEU A 217 -4.30 21.29 20.01
CA LEU A 217 -4.91 22.57 20.29
C LEU A 217 -4.46 23.65 19.30
N ILE A 218 -4.46 23.30 18.01
CA ILE A 218 -3.98 24.19 17.00
C ILE A 218 -5.14 24.69 16.18
N GLY A 219 -5.11 25.97 15.85
CA GLY A 219 -6.14 26.52 14.99
C GLY A 219 -6.71 27.81 15.46
N ALA A 220 -6.47 28.19 16.71
CA ALA A 220 -6.90 29.53 17.17
C ALA A 220 -5.88 30.60 16.73
N PRO A 221 -6.30 31.87 16.67
CA PRO A 221 -5.36 32.94 16.31
C PRO A 221 -4.42 33.27 17.43
N ASN A 222 -3.28 33.89 17.09
CA ASN A 222 -2.22 34.31 18.02
C ASN A 222 -1.71 33.24 18.95
N PRO A 223 -1.51 32.01 18.46
CA PRO A 223 -1.08 31.01 19.48
C PRO A 223 0.34 31.29 19.95
N THR A 224 0.74 30.88 21.15
CA THR A 224 2.13 31.00 21.53
C THR A 224 2.58 29.67 22.09
N PHE A 225 3.65 29.12 21.52
CA PHE A 225 4.10 27.78 21.84
C PHE A 225 5.39 27.87 22.62
N PRO A 226 5.34 27.54 23.92
CA PRO A 226 6.56 27.59 24.73
C PRO A 226 7.52 26.49 24.34
N ASN A 227 8.77 26.64 24.69
CA ASN A 227 9.78 25.65 24.47
C ASN A 227 9.76 24.88 25.79
N PHE A 228 9.26 23.62 25.81
CA PHE A 228 8.98 22.89 27.06
C PHE A 228 10.13 22.08 27.71
N PHE A 229 10.90 21.32 26.92
CA PHE A 229 11.89 20.41 27.54
C PHE A 229 13.32 20.70 27.12
N PRO A 230 14.26 20.57 28.10
CA PRO A 230 15.72 20.51 27.89
C PRO A 230 16.18 19.72 26.63
N ASN A 231 15.85 18.42 26.58
CA ASN A 231 16.42 17.53 25.57
C ASN A 231 15.66 17.42 24.25
N SER A 232 15.27 18.58 23.69
CA SER A 232 14.66 18.69 22.33
C SER A 232 14.74 20.10 21.71
N ALA A 233 15.50 20.99 22.37
CA ALA A 233 15.50 22.45 22.06
C ALA A 233 16.08 22.92 20.71
N ARG A 234 17.08 22.22 20.16
CA ARG A 234 17.62 22.61 18.85
C ARG A 234 16.55 22.45 17.79
N TRP A 235 15.69 21.45 18.00
CA TRP A 235 14.56 21.23 17.09
C TRP A 235 13.56 22.35 17.23
N PHE A 236 13.31 22.81 18.47
CA PHE A 236 12.41 23.92 18.71
C PHE A 236 12.99 25.14 18.05
N GLU A 237 14.28 25.35 18.28
CA GLU A 237 15.06 26.41 17.63
C GLU A 237 14.91 26.37 16.11
N ARG A 238 14.93 25.17 15.50
CA ARG A 238 14.69 25.11 14.06
C ARG A 238 13.34 25.71 13.67
N LEU A 239 12.30 25.42 14.45
CA LEU A 239 10.99 26.01 14.17
C LEU A 239 11.03 27.54 14.27
N GLN A 240 11.69 28.06 15.30
CA GLN A 240 11.89 29.49 15.44
C GLN A 240 12.55 30.10 14.20
N ALA A 241 13.59 29.42 13.71
CA ALA A 241 14.31 29.83 12.49
C ALA A 241 13.47 29.76 11.22
N ILE A 242 12.76 28.65 11.04
CA ILE A 242 11.88 28.49 9.89
C ILE A 242 10.80 29.57 9.84
N GLU A 243 10.25 29.89 11.02
CA GLU A 243 9.19 30.90 11.11
C GLU A 243 9.77 32.28 10.72
N HIS A 244 10.92 32.63 11.31
CA HIS A 244 11.68 33.86 11.02
C HIS A 244 11.93 33.99 9.52
N GLU A 245 12.65 33.03 8.95
CA GLU A 245 12.90 33.01 7.51
C GLU A 245 11.63 33.05 6.65
N LEU A 246 10.62 32.24 6.96
CA LEU A 246 9.38 32.34 6.18
C LEU A 246 8.78 33.74 6.27
N HIS A 247 8.79 34.35 7.46
CA HIS A 247 8.28 35.70 7.58
C HIS A 247 9.09 36.67 6.71
N GLU A 248 10.43 36.72 6.93
CA GLU A 248 11.35 37.60 6.17
C GLU A 248 11.15 37.44 4.67
N LEU A 249 11.19 36.21 4.18
CA LEU A 249 10.92 35.97 2.78
C LEU A 249 9.52 36.40 2.38
N GLY A 250 8.71 36.86 3.33
CA GLY A 250 7.32 37.30 3.05
C GLY A 250 6.33 36.20 2.69
N LEU A 251 6.50 35.02 3.29
CA LEU A 251 5.73 33.83 2.87
C LEU A 251 4.62 33.41 3.85
N LEU A 252 4.51 34.14 4.96
CA LEU A 252 3.46 33.94 5.95
C LEU A 252 2.35 34.92 5.69
N LYS A 253 1.21 34.76 6.31
CA LYS A 253 0.12 35.72 6.12
C LYS A 253 -0.28 36.24 7.48
N ASP A 254 -0.81 37.47 7.51
CA ASP A 254 -1.24 38.11 8.75
C ASP A 254 -0.35 37.80 9.92
N HIS A 255 0.94 37.80 9.65
CA HIS A 255 1.93 37.38 10.61
C HIS A 255 2.89 38.51 10.92
N SER A 256 2.99 38.88 12.20
CA SER A 256 3.98 39.87 12.66
C SER A 256 5.06 39.18 13.50
N LEU A 257 6.28 39.74 13.44
CA LEU A 257 7.40 39.15 14.18
C LEU A 257 7.27 39.38 15.67
N GLU A 258 6.50 40.40 16.07
CA GLU A 258 6.24 40.65 17.49
C GLU A 258 5.37 39.53 18.07
N GLY A 259 4.40 39.09 17.28
CA GLY A 259 3.50 38.01 17.66
C GLY A 259 3.91 36.70 17.03
N ARG A 260 5.16 36.28 17.30
CA ARG A 260 5.72 35.04 16.79
C ARG A 260 5.09 33.83 17.54
N TYR A 261 4.85 32.73 16.81
CA TYR A 261 4.24 31.56 17.43
C TYR A 261 5.21 30.88 18.37
N PHE A 262 6.42 30.69 17.90
CA PHE A 262 7.38 29.95 18.67
C PHE A 262 8.27 30.87 19.50
N GLN A 263 8.07 30.80 20.81
CA GLN A 263 8.79 31.66 21.75
C GLN A 263 9.77 30.92 22.61
N ASN A 264 11.03 31.36 22.50
CA ASN A 264 12.08 30.94 23.41
C ASN A 264 11.78 31.41 24.84
N TYR A 265 10.51 31.36 25.20
CA TYR A 265 10.07 31.49 26.57
C TYR A 265 10.04 30.04 27.07
N SER A 266 10.70 29.82 28.21
CA SER A 266 10.71 28.48 28.81
C SER A 266 9.45 28.35 29.67
N TYR A 267 9.28 27.20 30.30
CA TYR A 267 8.01 26.94 30.94
C TYR A 267 8.16 26.30 32.34
N GLY A 268 7.16 26.47 33.21
CA GLY A 268 7.13 25.73 34.49
C GLY A 268 6.75 24.26 34.28
N GLY A 269 5.45 23.98 34.45
CA GLY A 269 4.97 22.60 34.44
C GLY A 269 4.91 22.03 33.04
N VAL A 270 4.95 20.72 32.92
CA VAL A 270 4.65 20.16 31.61
C VAL A 270 3.14 20.03 31.59
N ILE A 271 2.62 19.96 30.40
CA ILE A 271 1.24 19.81 30.24
C ILE A 271 1.05 18.35 29.87
N GLN A 272 0.15 17.68 30.56
CA GLN A 272 -0.13 16.25 30.31
C GLN A 272 -0.79 16.04 28.94
N ASP A 273 -0.32 15.06 28.16
CA ASP A 273 -0.87 14.84 26.81
C ASP A 273 -0.31 13.53 26.31
N ASP A 274 -0.64 13.18 25.08
CA ASP A 274 -0.22 11.90 24.51
C ASP A 274 1.30 11.64 24.46
N HIS A 275 2.12 12.66 24.59
CA HIS A 275 3.56 12.41 24.52
C HIS A 275 4.07 11.86 25.86
N ILE A 276 3.31 11.96 26.95
CA ILE A 276 3.85 11.62 28.31
C ILE A 276 4.25 10.13 28.43
N PRO A 277 3.40 9.20 27.93
CA PRO A 277 3.89 7.79 28.08
C PRO A 277 5.12 7.48 27.21
N PHE A 278 5.40 8.31 26.21
CA PHE A 278 6.65 8.16 25.46
C PHE A 278 7.82 8.86 26.16
N LEU A 279 7.58 10.08 26.63
CA LEU A 279 8.54 10.75 27.51
C LEU A 279 9.00 9.84 28.68
N ARG A 280 8.08 9.18 29.39
CA ARG A 280 8.36 8.26 30.51
C ARG A 280 9.25 7.05 30.12
N ARG A 281 9.35 6.78 28.84
CA ARG A 281 10.11 5.68 28.38
C ARG A 281 11.41 6.17 27.72
N GLY A 282 11.61 7.49 27.78
CA GLY A 282 12.86 8.12 27.31
C GLY A 282 12.94 8.48 25.85
N VAL A 283 11.80 8.77 25.23
CA VAL A 283 11.76 9.25 23.86
C VAL A 283 11.71 10.79 23.83
N PRO A 284 12.47 11.45 22.90
CA PRO A 284 12.49 12.90 22.71
C PRO A 284 11.23 13.40 22.05
N VAL A 285 10.78 14.52 22.54
CA VAL A 285 9.46 14.99 22.25
C VAL A 285 9.52 16.46 21.94
N LEU A 286 8.89 16.85 20.85
CA LEU A 286 8.57 18.25 20.65
C LEU A 286 7.04 18.46 20.83
N HIS A 287 6.61 19.10 21.90
CA HIS A 287 5.18 19.26 22.17
C HIS A 287 4.60 20.58 21.63
N LEU A 288 4.01 20.52 20.45
CA LEU A 288 3.49 21.72 19.87
C LEU A 288 2.07 21.92 20.31
N ILE A 289 1.93 22.32 21.57
CA ILE A 289 0.65 22.74 22.12
C ILE A 289 0.80 24.23 22.61
N PRO A 290 -0.15 25.13 22.26
CA PRO A 290 -0.01 26.49 22.78
C PRO A 290 -0.29 26.58 24.29
N SER A 291 0.25 27.63 24.90
CA SER A 291 -0.01 27.95 26.30
C SER A 291 0.04 29.48 26.42
N PRO A 292 -1.09 30.16 26.71
CA PRO A 292 -2.50 29.83 27.01
C PRO A 292 -3.08 28.91 25.95
N PHE A 293 -4.07 28.12 26.39
CA PHE A 293 -4.78 27.20 25.54
C PHE A 293 -5.73 28.13 24.81
N PRO A 294 -6.27 27.72 23.67
CA PRO A 294 -7.29 28.65 23.07
C PRO A 294 -8.36 29.04 24.08
N GLU A 295 -8.89 30.25 23.92
CA GLU A 295 -10.04 30.74 24.73
C GLU A 295 -11.27 29.82 24.67
N VAL A 296 -11.51 29.21 23.51
CA VAL A 296 -12.59 28.26 23.34
C VAL A 296 -12.35 26.87 23.92
N TRP A 297 -11.17 26.57 24.38
CA TRP A 297 -10.88 25.23 24.94
C TRP A 297 -12.00 24.57 25.78
N HIS A 298 -12.42 23.36 25.38
CA HIS A 298 -13.38 22.51 26.10
C HIS A 298 -14.73 23.21 26.29
N THR A 299 -15.15 23.92 25.24
CA THR A 299 -16.50 24.49 25.14
C THR A 299 -17.03 24.23 23.71
N MET A 300 -18.34 24.43 23.53
CA MET A 300 -19.01 24.16 22.27
C MET A 300 -18.52 25.19 21.27
N ASP A 301 -17.91 26.28 21.75
CA ASP A 301 -17.34 27.29 20.82
C ASP A 301 -15.99 26.84 20.15
N ASP A 302 -15.46 25.66 20.52
CA ASP A 302 -14.28 25.16 19.82
C ASP A 302 -14.73 24.56 18.48
N ASN A 303 -15.14 25.42 17.56
CA ASN A 303 -15.80 24.98 16.36
C ASN A 303 -15.11 25.56 15.10
N GLU A 304 -15.73 25.39 13.94
CA GLU A 304 -15.12 25.79 12.70
C GLU A 304 -15.03 27.32 12.63
N GLU A 305 -16.10 27.98 13.05
CA GLU A 305 -16.15 29.42 12.90
C GLU A 305 -15.14 30.15 13.76
N ASN A 306 -14.64 29.53 14.82
CA ASN A 306 -13.64 30.19 15.64
C ASN A 306 -12.19 29.89 15.25
N LEU A 307 -11.97 29.08 14.20
CA LEU A 307 -10.60 28.76 13.74
C LEU A 307 -10.04 29.92 12.94
N ASP A 308 -8.73 30.01 12.80
CA ASP A 308 -8.11 31.11 12.02
C ASP A 308 -7.31 30.56 10.85
N GLU A 309 -7.85 30.78 9.64
CA GLU A 309 -7.33 30.31 8.35
C GLU A 309 -5.85 30.55 8.19
N SER A 310 -5.41 31.78 8.45
CA SER A 310 -4.05 32.21 8.18
C SER A 310 -3.08 31.58 9.14
N THR A 311 -3.47 31.52 10.42
CA THR A 311 -2.59 30.86 11.40
C THR A 311 -2.33 29.42 11.00
N ILE A 312 -3.39 28.71 10.59
CA ILE A 312 -3.24 27.30 10.26
C ILE A 312 -2.37 27.11 8.98
N ASP A 313 -2.63 27.95 7.99
CA ASP A 313 -1.82 28.05 6.73
C ASP A 313 -0.35 28.27 7.07
N ASN A 314 -0.06 29.31 7.86
CA ASN A 314 1.31 29.54 8.32
C ASN A 314 1.93 28.32 9.04
N LEU A 315 1.21 27.67 9.95
CA LEU A 315 1.84 26.59 10.70
C LEU A 315 2.09 25.38 9.82
N ASN A 316 1.18 25.17 8.88
CA ASN A 316 1.29 24.14 7.85
C ASN A 316 2.57 24.31 7.04
N LYS A 317 2.76 25.54 6.50
CA LYS A 317 4.02 25.90 5.81
C LYS A 317 5.23 25.59 6.64
N ILE A 318 5.23 26.05 7.90
CA ILE A 318 6.36 25.82 8.82
C ILE A 318 6.66 24.35 9.15
N LEU A 319 5.59 23.57 9.36
CA LEU A 319 5.71 22.14 9.72
C LEU A 319 6.22 21.36 8.51
N GLN A 320 5.65 21.66 7.34
CA GLN A 320 6.03 20.96 6.11
C GLN A 320 7.52 21.21 5.81
N VAL A 321 7.98 22.47 5.93
CA VAL A 321 9.44 22.78 5.83
C VAL A 321 10.25 21.95 6.83
N PHE A 322 9.81 21.95 8.09
CA PHE A 322 10.54 21.29 9.17
C PHE A 322 10.79 19.79 8.94
N VAL A 323 9.74 19.11 8.45
CA VAL A 323 9.77 17.68 8.12
C VAL A 323 10.67 17.53 6.85
N LEU A 324 10.59 18.46 5.90
CA LEU A 324 11.51 18.36 4.74
C LEU A 324 12.97 18.44 5.11
N GLU A 325 13.29 19.21 6.15
CA GLU A 325 14.64 19.42 6.59
C GLU A 325 15.17 18.33 7.47
N TYR A 326 14.30 17.79 8.33
CA TYR A 326 14.67 16.73 9.22
C TYR A 326 15.01 15.50 8.39
N LEU A 327 14.20 15.22 7.37
CA LEU A 327 14.38 14.03 6.54
C LEU A 327 15.37 14.22 5.37
N HIS A 328 15.87 15.44 5.18
CA HIS A 328 16.74 15.77 4.03
C HIS A 328 16.05 15.53 2.70
N LEU A 329 14.90 16.14 2.52
CA LEU A 329 14.18 16.03 1.26
C LEU A 329 13.91 17.42 0.66
N ALA B 1 -19.13 9.96 -18.69
CA ALA B 1 -19.26 10.09 -17.19
C ALA B 1 -19.29 8.69 -16.54
N SER B 2 -18.88 7.69 -17.33
CA SER B 2 -18.45 6.43 -16.78
C SER B 2 -17.16 6.78 -16.02
N ALA B 3 -17.33 7.27 -14.78
CA ALA B 3 -16.16 7.63 -13.99
C ALA B 3 -15.38 6.35 -13.71
N TRP B 4 -16.09 5.24 -13.48
CA TRP B 4 -15.44 4.03 -12.93
C TRP B 4 -14.28 3.45 -13.77
N PRO B 5 -14.36 3.53 -15.12
CA PRO B 5 -13.19 3.06 -15.87
C PRO B 5 -11.91 3.85 -15.57
N GLU B 6 -12.04 5.05 -14.97
CA GLU B 6 -10.86 5.88 -14.65
C GLU B 6 -10.19 5.43 -13.35
N GLU B 7 -10.94 4.75 -12.50
CA GLU B 7 -10.48 4.40 -11.16
C GLU B 7 -9.14 3.68 -11.13
N LYS B 8 -8.84 2.86 -12.15
CA LYS B 8 -7.60 2.07 -12.16
C LYS B 8 -6.35 2.94 -12.21
N ASN B 9 -6.47 4.12 -12.83
CA ASN B 9 -5.36 5.07 -12.91
C ASN B 9 -4.81 5.46 -11.50
N TYR B 10 -5.72 5.65 -10.54
CA TYR B 10 -5.37 6.17 -9.21
C TYR B 10 -5.40 5.14 -8.10
N HIS B 11 -5.73 3.89 -8.46
CA HIS B 11 -5.97 2.89 -7.47
C HIS B 11 -4.64 2.64 -6.80
N GLN B 12 -4.64 2.56 -5.46
CA GLN B 12 -3.44 2.24 -4.68
C GLN B 12 -3.58 0.92 -3.92
N PRO B 13 -2.45 0.27 -3.68
CA PRO B 13 -2.45 -0.99 -2.94
C PRO B 13 -2.69 -0.71 -1.44
N ALA B 14 -3.35 -1.63 -0.75
CA ALA B 14 -3.47 -1.60 0.69
C ALA B 14 -2.31 -2.43 1.16
N ILE B 15 -1.20 -1.77 1.47
CA ILE B 15 0.04 -2.45 1.76
C ILE B 15 0.01 -3.19 3.10
N LEU B 16 0.57 -4.40 3.09
CA LEU B 16 0.50 -5.29 4.23
C LEU B 16 1.65 -5.02 5.16
N ASN B 17 1.33 -5.05 6.46
CA ASN B 17 2.33 -4.94 7.50
C ASN B 17 3.12 -6.22 7.65
N SER B 18 4.13 -6.18 8.50
CA SER B 18 5.11 -7.21 8.66
C SER B 18 4.58 -8.60 9.00
N SER B 19 3.58 -8.68 9.87
CA SER B 19 3.24 -9.99 10.36
C SER B 19 2.19 -10.63 9.45
N ALA B 20 1.33 -9.81 8.84
CA ALA B 20 0.52 -10.26 7.70
C ALA B 20 1.40 -10.89 6.58
N LEU B 21 2.50 -10.23 6.23
CA LEU B 21 3.45 -10.84 5.26
C LEU B 21 3.96 -12.22 5.70
N ARG B 22 4.32 -12.42 6.98
CA ARG B 22 4.70 -13.80 7.37
C ARG B 22 3.56 -14.82 7.33
N GLN B 23 2.33 -14.34 7.50
CA GLN B 23 1.17 -15.17 7.40
C GLN B 23 1.05 -15.69 5.95
N ILE B 24 0.94 -14.76 5.02
CA ILE B 24 0.98 -15.11 3.60
C ILE B 24 2.12 -16.08 3.30
N ALA B 25 3.34 -15.76 3.68
CA ALA B 25 4.46 -16.62 3.31
C ALA B 25 4.24 -18.02 3.81
N GLU B 26 3.62 -18.14 4.98
CA GLU B 26 3.34 -19.45 5.52
C GLU B 26 2.09 -20.05 4.90
N GLY B 27 1.23 -19.25 4.29
CA GLY B 27 -0.05 -19.78 3.77
C GLY B 27 0.03 -20.61 2.48
N THR B 28 1.22 -20.69 1.88
CA THR B 28 1.40 -21.31 0.55
C THR B 28 2.36 -22.48 0.68
N SER B 29 2.10 -23.53 -0.06
CA SER B 29 2.89 -24.74 0.06
C SER B 29 3.41 -25.17 -1.32
N ILE B 30 4.69 -24.99 -1.56
CA ILE B 30 5.32 -25.43 -2.83
C ILE B 30 5.16 -26.94 -3.12
N SER B 31 5.21 -27.76 -2.07
CA SER B 31 5.12 -29.20 -2.24
C SER B 31 3.68 -29.61 -2.60
N GLU B 32 2.67 -28.90 -2.07
CA GLU B 32 1.27 -29.15 -2.47
C GLU B 32 0.97 -28.72 -3.93
N MET B 33 1.44 -27.52 -4.32
CA MET B 33 1.35 -27.08 -5.71
C MET B 33 2.07 -28.11 -6.60
N TRP B 34 3.28 -28.48 -6.21
CA TRP B 34 4.06 -29.39 -7.06
C TRP B 34 3.34 -30.70 -7.41
N GLN B 35 2.72 -31.33 -6.42
CA GLN B 35 2.16 -32.66 -6.57
C GLN B 35 0.74 -32.59 -7.14
N ASN B 36 -0.05 -31.62 -6.73
CA ASN B 36 -1.46 -31.63 -7.03
C ASN B 36 -1.84 -30.68 -8.16
N ASP B 37 -1.03 -29.64 -8.38
CA ASP B 37 -1.27 -28.65 -9.47
C ASP B 37 -0.29 -28.79 -10.62
N LEU B 38 1.00 -28.95 -10.35
CA LEU B 38 1.98 -28.95 -11.40
C LEU B 38 2.05 -30.27 -12.12
N GLN B 39 2.33 -31.34 -11.38
CA GLN B 39 2.66 -32.60 -12.01
C GLN B 39 1.61 -33.10 -13.02
N PRO B 40 0.31 -32.92 -12.75
CA PRO B 40 -0.62 -33.41 -13.76
C PRO B 40 -0.56 -32.63 -15.08
N LEU B 41 -0.03 -31.42 -15.04
CA LEU B 41 -0.01 -30.58 -16.26
C LEU B 41 1.20 -30.81 -17.13
N LEU B 42 2.12 -31.63 -16.63
CA LEU B 42 3.37 -31.85 -17.29
C LEU B 42 3.19 -32.94 -18.37
N ILE B 43 2.37 -32.64 -19.38
CA ILE B 43 2.10 -33.58 -20.44
C ILE B 43 2.05 -32.79 -21.74
N GLU B 44 2.21 -33.49 -22.85
CA GLU B 44 1.98 -32.89 -24.19
C GLU B 44 0.55 -32.37 -24.24
N ARG B 45 0.38 -31.08 -24.47
CA ARG B 45 -0.96 -30.54 -24.47
C ARG B 45 -1.08 -29.45 -25.52
N TYR B 46 -0.64 -29.76 -26.74
CA TYR B 46 -0.90 -28.89 -27.85
C TYR B 46 -2.36 -28.86 -28.27
N PRO B 47 -2.75 -27.79 -28.97
CA PRO B 47 -4.15 -27.62 -29.21
C PRO B 47 -4.80 -28.89 -29.85
N GLY B 48 -5.98 -29.26 -29.35
CA GLY B 48 -6.73 -30.38 -29.88
C GLY B 48 -6.23 -31.74 -29.49
N SER B 49 -5.11 -31.84 -28.78
CA SER B 49 -4.61 -33.14 -28.39
C SER B 49 -5.45 -33.69 -27.19
N PRO B 50 -5.28 -34.99 -26.84
CA PRO B 50 -6.01 -35.42 -25.62
C PRO B 50 -5.41 -34.70 -24.40
N GLY B 51 -4.11 -34.39 -24.43
CA GLY B 51 -3.46 -33.61 -23.37
C GLY B 51 -4.11 -32.25 -23.15
N SER B 52 -4.50 -31.59 -24.23
CA SER B 52 -5.19 -30.29 -24.11
C SER B 52 -6.46 -30.51 -23.34
N TYR B 53 -7.25 -31.51 -23.73
CA TYR B 53 -8.50 -31.80 -23.00
C TYR B 53 -8.27 -32.12 -21.51
N ALA B 54 -7.27 -32.96 -21.19
CA ALA B 54 -6.94 -33.29 -19.82
C ALA B 54 -6.40 -32.15 -18.99
N ALA B 55 -5.51 -31.34 -19.54
CA ALA B 55 -5.00 -30.13 -18.85
C ALA B 55 -6.13 -29.22 -18.49
N ARG B 56 -7.03 -29.03 -19.44
CA ARG B 56 -8.22 -28.22 -19.19
C ARG B 56 -9.15 -28.83 -18.09
N GLN B 57 -9.43 -30.12 -18.16
CA GLN B 57 -10.27 -30.75 -17.12
C GLN B 57 -9.57 -30.53 -15.77
N HIS B 58 -8.24 -30.67 -15.74
CA HIS B 58 -7.50 -30.56 -14.47
C HIS B 58 -7.59 -29.15 -13.91
N ILE B 59 -7.42 -28.15 -14.78
CA ILE B 59 -7.45 -26.81 -14.31
C ILE B 59 -8.82 -26.55 -13.74
N MET B 60 -9.86 -26.92 -14.46
CA MET B 60 -11.21 -26.64 -14.01
C MET B 60 -11.53 -27.33 -12.70
N GLN B 61 -11.16 -28.60 -12.60
CA GLN B 61 -11.38 -29.34 -11.36
C GLN B 61 -10.74 -28.70 -10.14
N ARG B 62 -9.51 -28.22 -10.32
CA ARG B 62 -8.76 -27.67 -9.22
C ARG B 62 -9.39 -26.38 -8.75
N ILE B 63 -9.97 -25.63 -9.67
CA ILE B 63 -10.67 -24.39 -9.36
C ILE B 63 -12.04 -24.64 -8.71
N GLN B 64 -12.74 -25.67 -9.19
CA GLN B 64 -14.10 -26.05 -8.72
C GLN B 64 -14.12 -26.60 -7.27
N ARG B 65 -12.99 -27.13 -6.83
CA ARG B 65 -12.89 -27.68 -5.49
C ARG B 65 -12.88 -26.56 -4.42
N LEU B 66 -12.72 -25.33 -4.84
CA LEU B 66 -12.49 -24.23 -3.91
C LEU B 66 -13.78 -23.65 -3.35
N GLN B 67 -13.69 -23.14 -2.12
CA GLN B 67 -14.82 -22.47 -1.44
C GLN B 67 -15.23 -21.18 -2.11
N ALA B 68 -14.24 -20.38 -2.50
CA ALA B 68 -14.57 -19.10 -3.12
C ALA B 68 -15.46 -19.36 -4.33
N ASP B 69 -16.24 -18.37 -4.69
CA ASP B 69 -17.34 -18.52 -5.60
C ASP B 69 -16.91 -18.28 -7.10
N TRP B 70 -15.95 -19.07 -7.60
CA TRP B 70 -15.41 -18.92 -8.96
C TRP B 70 -16.41 -19.31 -10.03
N VAL B 71 -16.65 -18.43 -10.99
CA VAL B 71 -17.45 -18.76 -12.16
C VAL B 71 -16.56 -19.15 -13.37
N LEU B 72 -16.68 -20.40 -13.85
CA LEU B 72 -15.86 -20.92 -14.93
C LEU B 72 -16.57 -20.85 -16.26
N GLU B 73 -15.88 -20.31 -17.25
CA GLU B 73 -16.41 -20.19 -18.61
C GLU B 73 -15.31 -20.70 -19.55
N ILE B 74 -15.72 -21.46 -20.57
CA ILE B 74 -14.80 -21.85 -21.63
C ILE B 74 -15.15 -21.03 -22.90
N ASP B 75 -14.17 -20.34 -23.47
CA ASP B 75 -14.32 -19.62 -24.74
C ASP B 75 -13.72 -20.53 -25.82
N THR B 76 -14.59 -21.27 -26.51
CA THR B 76 -14.18 -22.22 -27.52
C THR B 76 -14.53 -21.62 -28.86
N PHE B 77 -13.64 -21.75 -29.84
CA PHE B 77 -13.95 -21.14 -31.10
C PHE B 77 -13.04 -21.83 -32.12
N LEU B 78 -13.30 -21.51 -33.38
CA LEU B 78 -12.56 -22.05 -34.48
C LEU B 78 -11.69 -20.97 -35.12
N SER B 79 -10.47 -21.33 -35.47
CA SER B 79 -9.63 -20.44 -36.20
C SER B 79 -8.74 -21.15 -37.23
N GLN B 80 -8.45 -20.42 -38.30
CA GLN B 80 -7.57 -20.84 -39.38
C GLN B 80 -6.15 -20.99 -38.81
N THR B 81 -5.47 -22.10 -39.06
CA THR B 81 -4.05 -22.28 -38.72
C THR B 81 -3.28 -22.75 -39.98
N PRO B 82 -1.95 -22.99 -39.87
CA PRO B 82 -1.31 -23.45 -41.13
C PRO B 82 -1.68 -24.90 -41.44
N TYR B 83 -2.25 -25.57 -40.47
CA TYR B 83 -2.73 -26.92 -40.71
C TYR B 83 -4.23 -26.94 -40.75
N GLY B 84 -4.89 -25.94 -41.35
CA GLY B 84 -6.31 -25.94 -41.45
C GLY B 84 -7.02 -25.24 -40.28
N TYR B 85 -8.35 -25.25 -40.34
CA TYR B 85 -9.19 -24.67 -39.29
C TYR B 85 -9.11 -25.61 -38.06
N ARG B 86 -8.86 -25.10 -36.85
CA ARG B 86 -8.85 -25.90 -35.60
C ARG B 86 -9.62 -25.23 -34.46
N SER B 87 -9.89 -26.01 -33.42
CA SER B 87 -10.67 -25.61 -32.27
C SER B 87 -9.72 -25.25 -31.13
N PHE B 88 -10.02 -24.15 -30.46
CA PHE B 88 -9.20 -23.68 -29.35
C PHE B 88 -10.15 -23.33 -28.23
N SER B 89 -9.68 -23.46 -27.01
CA SER B 89 -10.54 -23.25 -25.85
C SER B 89 -9.86 -22.46 -24.75
N ASN B 90 -10.20 -21.18 -24.63
CA ASN B 90 -9.69 -20.44 -23.48
C ASN B 90 -10.46 -20.78 -22.20
N ILE B 91 -9.75 -20.88 -21.08
CA ILE B 91 -10.40 -21.09 -19.76
C ILE B 91 -10.48 -19.77 -18.99
N ILE B 92 -11.68 -19.27 -18.68
CA ILE B 92 -11.84 -18.06 -17.89
C ILE B 92 -12.46 -18.45 -16.50
N SER B 93 -11.94 -17.86 -15.43
CA SER B 93 -12.39 -18.20 -14.09
C SER B 93 -12.49 -16.89 -13.36
N THR B 94 -13.71 -16.45 -13.04
CA THR B 94 -13.93 -15.11 -12.53
C THR B 94 -14.60 -15.17 -11.14
N LEU B 95 -14.19 -14.31 -10.21
CA LEU B 95 -15.06 -13.98 -9.02
C LEU B 95 -15.85 -12.71 -9.30
N ASN B 96 -17.13 -12.70 -8.89
CA ASN B 96 -18.01 -11.55 -9.10
C ASN B 96 -18.04 -11.10 -10.59
N PRO B 97 -18.66 -11.90 -11.47
CA PRO B 97 -18.61 -11.56 -12.92
C PRO B 97 -19.28 -10.24 -13.20
N THR B 98 -20.25 -9.89 -12.42
CA THR B 98 -20.86 -8.60 -12.57
C THR B 98 -20.02 -7.55 -11.90
N ALA B 99 -18.99 -7.94 -11.17
CA ALA B 99 -18.02 -6.95 -10.69
C ALA B 99 -17.51 -6.10 -11.85
N LYS B 100 -17.56 -4.78 -11.70
CA LYS B 100 -17.16 -3.86 -12.74
C LYS B 100 -15.70 -3.85 -13.09
N ARG B 101 -14.83 -3.86 -12.10
CA ARG B 101 -13.39 -3.92 -12.29
C ARG B 101 -12.85 -5.28 -11.87
N HIS B 102 -11.82 -5.76 -12.56
CA HIS B 102 -11.13 -6.96 -12.14
C HIS B 102 -9.63 -6.86 -12.37
N LEU B 103 -8.85 -7.32 -11.40
CA LEU B 103 -7.46 -7.59 -11.59
C LEU B 103 -7.43 -8.95 -12.35
N VAL B 104 -6.59 -9.07 -13.37
CA VAL B 104 -6.56 -10.28 -14.20
C VAL B 104 -5.19 -10.93 -14.13
N LEU B 105 -5.13 -12.20 -13.82
CA LEU B 105 -3.88 -12.92 -13.90
C LEU B 105 -4.03 -13.97 -15.01
N ALA B 106 -2.99 -14.15 -15.79
CA ALA B 106 -3.10 -15.02 -16.97
C ALA B 106 -1.82 -15.71 -17.26
N CYS B 107 -1.97 -16.82 -17.98
CA CYS B 107 -0.89 -17.47 -18.63
C CYS B 107 -1.45 -18.31 -19.76
N HIS B 108 -0.59 -19.07 -20.46
CA HIS B 108 -1.10 -19.99 -21.48
C HIS B 108 -0.98 -21.42 -20.99
N TYR B 109 -1.99 -22.23 -21.25
CA TYR B 109 -1.98 -23.65 -20.85
C TYR B 109 -1.60 -24.63 -21.96
N ASP B 110 -1.59 -24.17 -23.21
CA ASP B 110 -1.10 -25.04 -24.29
C ASP B 110 0.42 -25.29 -24.23
N SER B 111 0.87 -26.35 -24.88
CA SER B 111 2.26 -26.51 -25.12
C SER B 111 2.50 -26.48 -26.59
N LYS B 112 3.73 -26.11 -26.90
CA LYS B 112 4.19 -26.03 -28.26
C LYS B 112 4.31 -27.44 -28.75
N TYR B 113 3.86 -27.64 -29.99
CA TYR B 113 4.10 -28.93 -30.68
C TYR B 113 5.58 -29.05 -31.10
N PHE B 114 6.24 -30.13 -30.74
CA PHE B 114 7.49 -30.55 -31.38
C PHE B 114 7.39 -32.05 -31.74
N SER B 115 7.93 -32.43 -32.88
CA SER B 115 7.85 -33.80 -33.26
C SER B 115 8.74 -34.54 -32.23
N HIS B 116 8.60 -35.84 -32.12
CA HIS B 116 9.21 -36.53 -30.95
C HIS B 116 10.66 -36.93 -31.16
N TRP B 117 11.53 -35.94 -31.22
CA TRP B 117 12.97 -36.20 -31.38
C TRP B 117 13.51 -36.98 -30.23
N ASN B 118 14.34 -37.98 -30.54
CA ASN B 118 14.98 -38.81 -29.51
C ASN B 118 13.94 -39.54 -28.64
N ASN B 119 12.75 -39.78 -29.19
CA ASN B 119 11.68 -40.46 -28.47
C ASN B 119 11.32 -39.65 -27.21
N ARG B 120 11.52 -38.34 -27.28
CA ARG B 120 11.09 -37.51 -26.19
C ARG B 120 9.91 -36.64 -26.60
N VAL B 121 9.31 -35.99 -25.62
CA VAL B 121 8.13 -35.21 -25.85
C VAL B 121 8.31 -33.84 -25.12
N PHE B 122 7.80 -32.75 -25.71
CA PHE B 122 7.86 -31.45 -25.06
C PHE B 122 6.64 -31.18 -24.17
N VAL B 123 6.94 -31.00 -22.88
CA VAL B 123 5.92 -30.77 -21.84
C VAL B 123 5.92 -29.30 -21.37
N GLY B 124 6.81 -28.46 -21.91
CA GLY B 124 6.77 -26.98 -21.60
C GLY B 124 6.56 -26.67 -20.09
N ALA B 125 7.51 -27.16 -19.28
CA ALA B 125 7.48 -26.96 -17.81
C ALA B 125 7.42 -25.48 -17.41
N THR B 126 8.35 -24.67 -17.91
CA THR B 126 8.32 -23.23 -17.63
C THR B 126 7.34 -22.50 -18.57
N ASP B 127 6.93 -23.17 -19.64
CA ASP B 127 6.28 -22.55 -20.80
C ASP B 127 5.03 -23.42 -21.11
N SER B 128 3.99 -23.37 -20.28
CA SER B 128 3.88 -22.48 -19.13
C SER B 128 3.17 -23.26 -18.02
N ALA B 129 3.57 -24.51 -17.82
CA ALA B 129 2.91 -25.35 -16.81
C ALA B 129 3.05 -24.73 -15.40
N VAL B 130 4.27 -24.29 -15.06
CA VAL B 130 4.55 -23.63 -13.77
C VAL B 130 3.65 -22.40 -13.59
N PRO B 131 3.64 -21.44 -14.57
CA PRO B 131 2.71 -20.34 -14.40
C PRO B 131 1.27 -20.80 -14.14
N CYS B 132 0.79 -21.81 -14.85
CA CYS B 132 -0.54 -22.40 -14.53
C CYS B 132 -0.63 -22.89 -13.08
N ALA B 133 0.32 -23.75 -12.68
CA ALA B 133 0.34 -24.20 -11.31
C ALA B 133 0.34 -23.01 -10.32
N MET B 134 1.06 -21.94 -10.64
CA MET B 134 1.15 -20.82 -9.73
C MET B 134 -0.19 -20.12 -9.55
N MET B 135 -0.96 -20.03 -10.62
CA MET B 135 -2.30 -19.42 -10.54
C MET B 135 -3.30 -20.33 -9.74
N LEU B 136 -3.18 -21.64 -9.91
CA LEU B 136 -3.99 -22.63 -9.14
C LEU B 136 -3.63 -22.61 -7.63
N GLU B 137 -2.33 -22.53 -7.30
CA GLU B 137 -1.83 -22.42 -5.95
C GLU B 137 -2.17 -21.08 -5.32
N LEU B 138 -2.18 -20.01 -6.13
CA LEU B 138 -2.60 -18.75 -5.63
C LEU B 138 -4.08 -18.79 -5.24
N ALA B 139 -4.92 -19.41 -6.09
CA ALA B 139 -6.35 -19.53 -5.78
C ALA B 139 -6.60 -20.37 -4.52
N ARG B 140 -5.82 -21.44 -4.35
CA ARG B 140 -5.94 -22.32 -3.18
C ARG B 140 -5.57 -21.54 -1.92
N ALA B 141 -4.31 -21.06 -1.89
CA ALA B 141 -3.76 -20.35 -0.78
C ALA B 141 -4.57 -19.15 -0.33
N LEU B 142 -5.15 -18.40 -1.25
CA LEU B 142 -5.91 -17.24 -0.85
C LEU B 142 -7.43 -17.49 -0.75
N ASP B 143 -7.81 -18.77 -0.83
CA ASP B 143 -9.23 -19.18 -0.88
C ASP B 143 -10.05 -18.54 0.25
N LYS B 144 -9.52 -18.62 1.47
CA LYS B 144 -10.25 -18.16 2.66
C LYS B 144 -10.50 -16.64 2.48
N LYS B 145 -9.41 -15.92 2.15
CA LYS B 145 -9.51 -14.48 1.97
C LYS B 145 -10.32 -14.07 0.74
N LEU B 146 -10.17 -14.81 -0.38
CA LEU B 146 -11.02 -14.55 -1.55
C LEU B 146 -12.52 -14.83 -1.29
N LEU B 147 -12.81 -15.81 -0.43
CA LEU B 147 -14.20 -16.11 -0.03
C LEU B 147 -14.94 -14.84 0.36
N SER B 148 -14.28 -13.95 1.10
CA SER B 148 -14.85 -12.66 1.50
C SER B 148 -15.54 -11.84 0.40
N LEU B 149 -15.11 -12.00 -0.85
CA LEU B 149 -15.58 -11.13 -1.93
C LEU B 149 -17.03 -11.37 -2.41
N LYS B 150 -17.66 -12.50 -2.07
CA LYS B 150 -19.02 -12.85 -2.64
C LYS B 150 -20.08 -11.72 -2.68
N PRO B 157 -14.79 0.29 -3.46
CA PRO B 157 -13.84 -0.27 -4.42
C PRO B 157 -14.39 -1.59 -5.01
N ASP B 158 -15.12 -1.46 -6.13
CA ASP B 158 -15.86 -2.59 -6.75
C ASP B 158 -15.01 -3.43 -7.74
N LEU B 159 -14.24 -4.32 -7.15
CA LEU B 159 -13.06 -4.80 -7.78
C LEU B 159 -12.85 -6.20 -7.34
N SER B 160 -12.70 -7.09 -8.31
CA SER B 160 -12.48 -8.47 -8.01
C SER B 160 -11.32 -9.10 -8.83
N LEU B 161 -11.23 -10.43 -8.83
CA LEU B 161 -10.12 -11.19 -9.37
C LEU B 161 -10.58 -12.12 -10.49
N GLN B 162 -9.82 -12.12 -11.58
CA GLN B 162 -10.09 -13.04 -12.72
C GLN B 162 -8.85 -13.81 -13.11
N LEU B 163 -9.03 -15.04 -13.55
CA LEU B 163 -7.89 -15.81 -14.00
C LEU B 163 -8.18 -16.23 -15.43
N ILE B 164 -7.15 -16.16 -16.27
CA ILE B 164 -7.29 -16.60 -17.67
C ILE B 164 -6.18 -17.53 -18.03
N PHE B 165 -6.55 -18.68 -18.60
CA PHE B 165 -5.58 -19.59 -19.10
C PHE B 165 -5.83 -19.64 -20.59
N PHE B 166 -4.89 -19.08 -21.31
CA PHE B 166 -5.03 -18.95 -22.77
C PHE B 166 -4.66 -20.27 -23.41
N ASP B 167 -5.49 -20.63 -24.40
CA ASP B 167 -5.15 -21.70 -25.38
C ASP B 167 -4.38 -21.09 -26.58
N GLY B 168 -3.59 -21.92 -27.25
CA GLY B 168 -2.98 -21.60 -28.58
C GLY B 168 -2.07 -20.36 -28.62
N GLU B 169 -1.30 -20.19 -27.56
CA GLU B 169 -0.34 -19.09 -27.52
C GLU B 169 0.74 -19.33 -28.56
N GLU B 170 1.16 -20.58 -28.66
CA GLU B 170 2.31 -20.92 -29.43
C GLU B 170 1.99 -21.06 -30.90
N ALA B 171 2.98 -20.75 -31.74
CA ALA B 171 2.85 -21.08 -33.15
C ALA B 171 2.87 -22.57 -33.41
N PHE B 172 2.11 -22.94 -34.43
CA PHE B 172 2.14 -24.27 -34.99
C PHE B 172 3.46 -24.46 -35.75
N LEU B 173 3.81 -23.47 -36.58
CA LEU B 173 4.99 -23.61 -37.47
C LEU B 173 6.09 -22.58 -37.22
N HIS B 174 5.88 -21.32 -37.49
CA HIS B 174 6.86 -20.35 -37.01
C HIS B 174 6.10 -19.09 -36.64
N TRP B 175 6.60 -18.46 -35.60
CA TRP B 175 6.01 -17.31 -34.94
C TRP B 175 5.75 -16.16 -35.91
N SER B 176 4.49 -15.79 -36.11
CA SER B 176 4.15 -14.67 -36.98
C SER B 176 2.76 -14.17 -36.58
N PRO B 177 2.29 -13.04 -37.16
CA PRO B 177 0.99 -12.50 -36.74
C PRO B 177 -0.15 -13.45 -37.06
N GLN B 178 0.02 -14.25 -38.10
CA GLN B 178 -0.98 -15.25 -38.48
C GLN B 178 -0.94 -16.53 -37.68
N ASP B 179 0.21 -16.91 -37.13
CA ASP B 179 0.39 -18.23 -36.50
C ASP B 179 0.99 -17.98 -35.13
N SER B 180 0.14 -17.63 -34.18
CA SER B 180 0.46 -17.34 -32.80
C SER B 180 -0.68 -16.69 -32.08
N LEU B 181 -0.68 -16.79 -30.75
CA LEU B 181 -1.63 -15.98 -29.94
C LEU B 181 -3.09 -16.21 -30.35
N TYR B 182 -3.43 -17.49 -30.61
CA TYR B 182 -4.75 -17.77 -31.21
C TYR B 182 -5.81 -17.47 -30.20
N GLY B 183 -5.58 -17.91 -28.97
CA GLY B 183 -6.56 -17.68 -27.94
C GLY B 183 -6.63 -16.28 -27.37
N SER B 184 -5.47 -15.64 -27.11
CA SER B 184 -5.52 -14.21 -26.65
C SER B 184 -6.06 -13.25 -27.70
N ARG B 185 -5.76 -13.45 -28.99
CA ARG B 185 -6.27 -12.52 -30.00
C ARG B 185 -7.81 -12.62 -30.08
N HIS B 186 -8.31 -13.84 -30.03
CA HIS B 186 -9.78 -14.07 -30.04
C HIS B 186 -10.48 -13.51 -28.77
N LEU B 187 -9.97 -13.87 -27.58
CA LEU B 187 -10.55 -13.29 -26.36
C LEU B 187 -10.51 -11.73 -26.31
N ALA B 188 -9.43 -11.07 -26.64
CA ALA B 188 -9.44 -9.62 -26.53
C ALA B 188 -10.48 -8.98 -27.44
N ALA B 189 -10.60 -9.53 -28.66
CA ALA B 189 -11.56 -8.97 -29.63
C ALA B 189 -12.99 -9.25 -29.12
N LYS B 190 -13.21 -10.43 -28.57
CA LYS B 190 -14.48 -10.69 -27.88
C LYS B 190 -14.82 -9.72 -26.70
N MET B 191 -13.90 -9.59 -25.73
CA MET B 191 -14.03 -8.63 -24.61
C MET B 191 -14.26 -7.21 -25.12
N ALA B 192 -13.47 -6.77 -26.08
CA ALA B 192 -13.66 -5.41 -26.63
C ALA B 192 -15.07 -5.10 -27.18
N SER B 193 -15.83 -6.12 -27.52
CA SER B 193 -17.11 -5.78 -28.10
C SER B 193 -18.31 -6.27 -27.28
N THR B 194 -18.07 -6.65 -26.03
CA THR B 194 -19.07 -7.15 -25.13
C THR B 194 -19.31 -6.12 -24.01
N PRO B 195 -20.58 -5.65 -23.88
CA PRO B 195 -20.78 -4.54 -22.90
C PRO B 195 -20.58 -5.01 -21.46
N HIS B 196 -19.96 -4.18 -20.65
CA HIS B 196 -19.75 -4.50 -19.21
C HIS B 196 -19.86 -3.27 -18.30
N PRO B 197 -20.65 -3.36 -17.20
CA PRO B 197 -21.45 -4.52 -16.75
C PRO B 197 -22.58 -4.83 -17.72
N PRO B 198 -23.21 -6.01 -17.57
CA PRO B 198 -24.29 -6.31 -18.51
C PRO B 198 -25.35 -5.26 -18.27
N GLY B 199 -25.67 -4.52 -19.33
CA GLY B 199 -26.51 -3.38 -19.23
C GLY B 199 -25.92 -2.19 -19.95
N ALA B 200 -24.59 -2.00 -19.85
CA ALA B 200 -23.95 -0.70 -20.21
C ALA B 200 -24.01 -0.30 -21.68
N ARG B 201 -23.76 1.00 -21.95
CA ARG B 201 -23.96 1.61 -23.27
C ARG B 201 -22.68 2.07 -23.96
N GLY B 202 -21.65 2.40 -23.18
CA GLY B 202 -20.35 2.80 -23.72
C GLY B 202 -19.13 2.30 -22.95
N THR B 203 -19.22 1.13 -22.31
CA THR B 203 -18.04 0.47 -21.72
C THR B 203 -18.04 -1.05 -21.99
N SER B 204 -16.84 -1.61 -22.20
CA SER B 204 -16.73 -2.99 -22.63
C SER B 204 -16.06 -3.76 -21.50
N GLN B 205 -15.99 -5.08 -21.63
CA GLN B 205 -15.23 -5.90 -20.70
C GLN B 205 -13.77 -5.49 -20.55
N LEU B 206 -13.18 -4.97 -21.63
CA LEU B 206 -11.80 -4.49 -21.52
C LEU B 206 -11.70 -3.26 -20.64
N HIS B 207 -12.74 -2.43 -20.65
CA HIS B 207 -12.76 -1.27 -19.76
C HIS B 207 -12.65 -1.72 -18.31
N GLY B 208 -13.09 -2.95 -18.05
CA GLY B 208 -13.08 -3.47 -16.71
C GLY B 208 -11.78 -4.13 -16.28
N MET B 209 -10.84 -4.38 -17.21
CA MET B 209 -9.57 -4.98 -16.82
C MET B 209 -8.70 -3.93 -16.18
N ASP B 210 -8.53 -4.01 -14.86
CA ASP B 210 -7.70 -3.02 -14.15
C ASP B 210 -6.23 -3.08 -14.58
N LEU B 211 -5.72 -4.32 -14.68
CA LEU B 211 -4.34 -4.64 -14.92
C LEU B 211 -4.32 -6.12 -15.36
N LEU B 212 -3.65 -6.36 -16.47
CA LEU B 212 -3.38 -7.70 -16.90
C LEU B 212 -1.99 -8.12 -16.46
N VAL B 213 -1.91 -9.15 -15.66
CA VAL B 213 -0.62 -9.61 -15.11
C VAL B 213 -0.43 -10.89 -15.85
N LEU B 214 0.56 -10.94 -16.76
CA LEU B 214 0.67 -12.10 -17.61
C LEU B 214 1.91 -12.86 -17.15
N LEU B 215 1.79 -14.09 -16.68
CA LEU B 215 2.97 -14.83 -16.31
C LEU B 215 3.42 -15.76 -17.44
N ASP B 216 4.75 -15.85 -17.70
CA ASP B 216 5.29 -16.74 -18.78
C ASP B 216 6.75 -17.17 -18.49
N LEU B 217 7.09 -18.43 -18.74
CA LEU B 217 8.46 -18.83 -18.74
C LEU B 217 9.03 -18.78 -17.34
N ILE B 218 8.22 -19.20 -16.36
CA ILE B 218 8.64 -19.08 -14.99
C ILE B 218 9.00 -20.44 -14.47
N GLY B 219 10.07 -20.53 -13.66
CA GLY B 219 10.42 -21.83 -13.07
C GLY B 219 11.88 -22.15 -13.08
N ALA B 220 12.64 -21.53 -13.97
CA ALA B 220 14.11 -21.69 -14.04
C ALA B 220 14.81 -20.92 -12.88
N PRO B 221 16.01 -21.37 -12.45
CA PRO B 221 16.76 -20.55 -11.45
C PRO B 221 17.12 -19.15 -11.94
N ASN B 222 17.18 -18.19 -11.01
CA ASN B 222 17.80 -16.91 -11.24
C ASN B 222 17.14 -16.12 -12.32
N PRO B 223 15.79 -16.07 -12.34
CA PRO B 223 15.22 -15.28 -13.42
C PRO B 223 15.45 -13.80 -13.17
N THR B 224 15.48 -13.01 -14.25
CA THR B 224 15.51 -11.59 -14.12
C THR B 224 14.39 -11.08 -15.00
N PHE B 225 13.47 -10.35 -14.38
CA PHE B 225 12.34 -9.74 -15.06
C PHE B 225 12.53 -8.25 -15.16
N PRO B 226 12.49 -7.68 -16.38
CA PRO B 226 12.59 -6.23 -16.56
C PRO B 226 11.25 -5.52 -16.40
N ASN B 227 11.33 -4.24 -16.11
CA ASN B 227 10.13 -3.40 -16.04
C ASN B 227 9.88 -2.93 -17.47
N PHE B 228 9.14 -3.73 -18.24
CA PHE B 228 8.86 -3.41 -19.68
C PHE B 228 8.11 -2.11 -20.00
N PHE B 229 7.06 -1.77 -19.24
CA PHE B 229 6.13 -0.70 -19.67
C PHE B 229 6.05 0.52 -18.71
N PRO B 230 6.12 1.76 -19.29
CA PRO B 230 5.94 2.95 -18.44
C PRO B 230 4.63 3.00 -17.70
N ASN B 231 3.53 2.57 -18.32
CA ASN B 231 2.24 2.67 -17.64
C ASN B 231 1.87 1.49 -16.70
N SER B 232 2.81 0.65 -16.34
CA SER B 232 2.51 -0.27 -15.29
C SER B 232 3.69 -0.28 -14.37
N ALA B 233 4.59 0.71 -14.56
CA ALA B 233 5.87 0.76 -13.83
C ALA B 233 5.68 0.84 -12.30
N ARG B 234 4.66 1.58 -11.88
CA ARG B 234 4.27 1.67 -10.43
C ARG B 234 3.89 0.31 -9.84
N TRP B 235 3.19 -0.53 -10.60
CA TRP B 235 2.89 -1.89 -10.13
C TRP B 235 4.13 -2.75 -10.10
N PHE B 236 5.02 -2.57 -11.08
CA PHE B 236 6.21 -3.35 -11.15
C PHE B 236 7.04 -2.95 -9.94
N GLU B 237 7.10 -1.65 -9.62
CA GLU B 237 7.81 -1.17 -8.43
C GLU B 237 7.23 -1.82 -7.16
N ARG B 238 5.90 -2.00 -7.10
CA ARG B 238 5.31 -2.77 -6.00
C ARG B 238 5.88 -4.19 -5.79
N LEU B 239 6.06 -4.95 -6.89
CA LEU B 239 6.76 -6.25 -6.87
C LEU B 239 8.20 -6.14 -6.33
N GLN B 240 8.92 -5.08 -6.70
CA GLN B 240 10.30 -4.98 -6.20
C GLN B 240 10.31 -4.80 -4.67
N ALA B 241 9.32 -4.09 -4.17
CA ALA B 241 9.27 -3.69 -2.76
C ALA B 241 8.80 -4.87 -1.93
N ILE B 242 7.85 -5.64 -2.47
CA ILE B 242 7.46 -6.92 -1.87
C ILE B 242 8.63 -7.84 -1.84
N GLU B 243 9.32 -7.96 -2.98
CA GLU B 243 10.46 -8.85 -3.01
C GLU B 243 11.46 -8.45 -1.91
N HIS B 244 11.80 -7.17 -1.91
CA HIS B 244 12.76 -6.60 -0.98
C HIS B 244 12.38 -6.86 0.49
N GLU B 245 11.13 -6.56 0.84
CA GLU B 245 10.59 -6.72 2.20
C GLU B 245 10.64 -8.19 2.66
N LEU B 246 10.12 -9.09 1.83
CA LEU B 246 10.13 -10.52 2.10
C LEU B 246 11.54 -11.05 2.30
N HIS B 247 12.49 -10.53 1.53
CA HIS B 247 13.86 -10.91 1.72
C HIS B 247 14.29 -10.48 3.14
N GLU B 248 13.85 -9.30 3.54
CA GLU B 248 14.27 -8.57 4.76
C GLU B 248 13.50 -9.00 5.99
N LEU B 249 12.80 -10.12 5.88
CA LEU B 249 12.06 -10.65 6.99
C LEU B 249 12.36 -12.12 7.10
N GLY B 250 13.33 -12.56 6.30
CA GLY B 250 13.75 -13.95 6.25
C GLY B 250 12.70 -14.92 5.70
N LEU B 251 11.75 -14.41 4.91
CA LEU B 251 10.61 -15.18 4.38
C LEU B 251 10.81 -15.85 2.98
N LEU B 252 11.95 -15.57 2.36
CA LEU B 252 12.35 -16.11 1.06
C LEU B 252 13.49 -17.06 1.27
N LYS B 253 13.56 -18.13 0.48
CA LYS B 253 14.63 -19.12 0.55
C LYS B 253 15.64 -18.93 -0.59
N ASP B 254 16.91 -19.25 -0.35
CA ASP B 254 17.90 -19.31 -1.41
C ASP B 254 17.87 -18.00 -2.24
N HIS B 255 17.71 -16.87 -1.58
CA HIS B 255 17.50 -15.60 -2.27
C HIS B 255 18.56 -14.57 -1.90
N SER B 256 19.25 -14.08 -2.90
CA SER B 256 20.20 -13.00 -2.69
C SER B 256 19.58 -11.69 -3.19
N LEU B 257 19.87 -10.57 -2.53
CA LEU B 257 19.50 -9.27 -3.09
C LEU B 257 20.39 -8.89 -4.28
N GLU B 258 21.62 -9.41 -4.30
CA GLU B 258 22.50 -9.30 -5.48
C GLU B 258 21.77 -9.85 -6.73
N GLY B 259 21.27 -11.08 -6.63
CA GLY B 259 20.49 -11.72 -7.71
C GLY B 259 18.98 -11.62 -7.54
N ARG B 260 18.46 -10.39 -7.47
CA ARG B 260 17.04 -10.15 -7.27
C ARG B 260 16.29 -10.36 -8.60
N TYR B 261 15.00 -10.69 -8.48
CA TYR B 261 14.20 -11.12 -9.62
C TYR B 261 13.70 -9.89 -10.36
N PHE B 262 13.15 -8.95 -9.62
CA PHE B 262 12.52 -7.81 -10.25
C PHE B 262 13.49 -6.63 -10.48
N GLN B 263 13.83 -6.40 -11.75
CA GLN B 263 14.89 -5.46 -12.05
C GLN B 263 14.43 -4.14 -12.64
N ASN B 264 14.82 -3.07 -11.93
CA ASN B 264 14.44 -1.64 -12.13
C ASN B 264 15.13 -1.06 -13.34
N TYR B 265 15.86 -1.93 -14.02
CA TYR B 265 16.28 -1.63 -15.35
C TYR B 265 15.10 -2.08 -16.19
N SER B 266 14.33 -1.09 -16.65
CA SER B 266 13.73 -1.17 -17.95
C SER B 266 14.90 -1.56 -18.89
N TYR B 267 14.62 -2.18 -20.04
CA TYR B 267 15.68 -2.53 -21.04
C TYR B 267 15.29 -2.30 -22.55
N GLY B 268 16.26 -2.51 -23.46
CA GLY B 268 16.01 -2.61 -24.90
C GLY B 268 14.54 -2.56 -25.31
N GLY B 269 13.86 -3.72 -25.42
CA GLY B 269 12.48 -3.77 -25.97
C GLY B 269 11.48 -4.83 -25.47
N VAL B 270 10.32 -4.87 -26.14
CA VAL B 270 9.14 -5.65 -25.77
C VAL B 270 9.23 -7.10 -26.31
N ILE B 271 8.56 -8.01 -25.61
CA ILE B 271 8.51 -9.39 -25.99
C ILE B 271 7.07 -9.69 -26.34
N GLN B 272 6.86 -10.30 -27.51
CA GLN B 272 5.51 -10.70 -27.95
C GLN B 272 4.94 -11.80 -27.15
N ASP B 273 3.66 -11.68 -26.81
CA ASP B 273 3.05 -12.67 -25.94
C ASP B 273 1.57 -12.42 -25.85
N ASP B 274 0.90 -13.25 -25.07
CA ASP B 274 -0.55 -13.15 -24.96
C ASP B 274 -1.13 -11.79 -24.52
N HIS B 275 -0.32 -10.90 -23.96
CA HIS B 275 -0.85 -9.59 -23.52
C HIS B 275 -0.99 -8.63 -24.69
N ILE B 276 -0.31 -8.96 -25.79
CA ILE B 276 -0.20 -8.02 -26.93
C ILE B 276 -1.60 -7.52 -27.48
N PRO B 277 -2.58 -8.44 -27.67
CA PRO B 277 -3.96 -8.05 -28.11
C PRO B 277 -4.67 -7.10 -27.13
N PHE B 278 -4.27 -7.16 -25.87
CA PHE B 278 -4.91 -6.35 -24.84
C PHE B 278 -4.28 -4.96 -24.77
N LEU B 279 -2.97 -4.96 -24.88
CA LEU B 279 -2.15 -3.79 -24.87
C LEU B 279 -2.49 -2.85 -26.05
N ARG B 280 -2.71 -3.43 -27.25
CA ARG B 280 -3.06 -2.75 -28.47
C ARG B 280 -4.44 -2.12 -28.34
N ARG B 281 -5.19 -2.57 -27.37
CA ARG B 281 -6.46 -1.98 -27.05
C ARG B 281 -6.38 -1.16 -25.76
N GLY B 282 -5.18 -0.84 -25.33
CA GLY B 282 -5.05 0.06 -24.19
C GLY B 282 -5.24 -0.45 -22.77
N VAL B 283 -5.11 -1.76 -22.58
CA VAL B 283 -5.22 -2.32 -21.26
C VAL B 283 -3.82 -2.32 -20.66
N PRO B 284 -3.70 -1.89 -19.40
CA PRO B 284 -2.37 -1.86 -18.79
C PRO B 284 -1.92 -3.27 -18.42
N VAL B 285 -0.63 -3.51 -18.59
CA VAL B 285 -0.13 -4.84 -18.50
C VAL B 285 1.11 -4.90 -17.62
N LEU B 286 1.24 -5.97 -16.88
CA LEU B 286 2.49 -6.28 -16.23
C LEU B 286 2.90 -7.59 -16.82
N HIS B 287 3.95 -7.60 -17.65
CA HIS B 287 4.35 -8.79 -18.34
C HIS B 287 5.45 -9.49 -17.55
N LEU B 288 5.11 -10.51 -16.82
CA LEU B 288 6.07 -11.23 -15.98
C LEU B 288 6.67 -12.39 -16.75
N ILE B 289 7.58 -12.04 -17.66
CA ILE B 289 8.32 -12.99 -18.38
C ILE B 289 9.75 -12.56 -18.19
N PRO B 290 10.66 -13.52 -18.02
CA PRO B 290 12.03 -13.08 -17.82
C PRO B 290 12.82 -12.84 -19.10
N SER B 291 13.84 -12.00 -18.96
CA SER B 291 14.81 -11.82 -19.99
C SER B 291 16.21 -11.78 -19.34
N PRO B 292 17.06 -12.79 -19.60
CA PRO B 292 16.91 -13.72 -20.71
C PRO B 292 15.92 -14.88 -20.42
N PHE B 293 15.52 -15.58 -21.47
CA PHE B 293 14.65 -16.75 -21.36
C PHE B 293 15.48 -17.84 -20.67
N PRO B 294 14.80 -18.76 -19.99
CA PRO B 294 15.47 -19.97 -19.50
C PRO B 294 16.34 -20.60 -20.59
N GLU B 295 17.50 -21.11 -20.20
CA GLU B 295 18.40 -21.83 -21.08
C GLU B 295 17.74 -23.01 -21.83
N VAL B 296 16.69 -23.55 -21.26
CA VAL B 296 16.07 -24.72 -21.82
C VAL B 296 14.95 -24.29 -22.75
N TRP B 297 14.74 -23.01 -22.94
CA TRP B 297 13.53 -22.55 -23.72
C TRP B 297 13.38 -23.30 -25.03
N HIS B 298 12.16 -23.83 -25.29
CA HIS B 298 11.82 -24.49 -26.58
C HIS B 298 12.79 -25.65 -26.90
N THR B 299 13.18 -26.41 -25.88
CA THR B 299 13.89 -27.64 -26.03
C THR B 299 13.17 -28.68 -25.14
N MET B 300 13.48 -29.94 -25.35
CA MET B 300 12.88 -31.02 -24.55
C MET B 300 13.45 -31.05 -23.14
N ASP B 301 14.46 -30.23 -22.88
CA ASP B 301 15.00 -30.05 -21.55
C ASP B 301 14.19 -29.12 -20.64
N ASP B 302 13.21 -28.43 -21.24
CA ASP B 302 12.20 -27.70 -20.43
C ASP B 302 11.23 -28.66 -19.71
N ASN B 303 11.75 -29.39 -18.73
CA ASN B 303 11.01 -30.44 -18.09
C ASN B 303 11.02 -30.22 -16.55
N GLU B 304 10.49 -31.17 -15.81
CA GLU B 304 10.38 -31.03 -14.38
C GLU B 304 11.74 -30.91 -13.70
N GLU B 305 12.69 -31.74 -14.10
CA GLU B 305 14.01 -31.79 -13.49
C GLU B 305 14.81 -30.45 -13.53
N ASN B 306 14.54 -29.61 -14.53
CA ASN B 306 15.26 -28.34 -14.69
C ASN B 306 14.63 -27.18 -13.96
N LEU B 307 13.51 -27.43 -13.31
CA LEU B 307 12.77 -26.42 -12.54
C LEU B 307 13.44 -26.19 -11.20
N ASP B 308 13.20 -25.00 -10.63
CA ASP B 308 13.82 -24.63 -9.35
C ASP B 308 12.79 -24.27 -8.32
N GLU B 309 12.57 -25.20 -7.38
CA GLU B 309 11.52 -25.10 -6.39
C GLU B 309 11.58 -23.81 -5.52
N SER B 310 12.77 -23.44 -5.07
CA SER B 310 12.87 -22.24 -4.26
C SER B 310 12.47 -20.99 -5.03
N THR B 311 12.88 -20.93 -6.29
CA THR B 311 12.55 -19.78 -7.12
C THR B 311 11.04 -19.65 -7.21
N ILE B 312 10.38 -20.77 -7.49
CA ILE B 312 8.92 -20.77 -7.69
C ILE B 312 8.18 -20.44 -6.37
N ASP B 313 8.69 -21.05 -5.31
CA ASP B 313 8.18 -20.81 -3.98
C ASP B 313 8.28 -19.31 -3.70
N ASN B 314 9.45 -18.70 -3.97
CA ASN B 314 9.66 -17.27 -3.72
C ASN B 314 8.65 -16.44 -4.51
N LEU B 315 8.51 -16.73 -5.81
CA LEU B 315 7.59 -16.02 -6.69
C LEU B 315 6.10 -16.21 -6.29
N ASN B 316 5.70 -17.41 -5.86
CA ASN B 316 4.31 -17.57 -5.30
C ASN B 316 3.98 -16.53 -4.20
N LYS B 317 4.89 -16.47 -3.21
CA LYS B 317 4.77 -15.56 -2.06
C LYS B 317 4.67 -14.14 -2.58
N ILE B 318 5.60 -13.72 -3.45
CA ILE B 318 5.54 -12.33 -3.93
C ILE B 318 4.23 -12.06 -4.63
N LEU B 319 3.82 -13.01 -5.46
CA LEU B 319 2.63 -12.82 -6.27
C LEU B 319 1.34 -12.79 -5.43
N GLN B 320 1.21 -13.73 -4.52
CA GLN B 320 0.08 -13.76 -3.52
C GLN B 320 0.01 -12.45 -2.73
N VAL B 321 1.15 -11.98 -2.26
CA VAL B 321 1.16 -10.69 -1.57
C VAL B 321 0.64 -9.58 -2.51
N PHE B 322 1.18 -9.52 -3.73
CA PHE B 322 0.77 -8.50 -4.75
C PHE B 322 -0.74 -8.51 -4.98
N VAL B 323 -1.33 -9.68 -5.12
CA VAL B 323 -2.78 -9.75 -5.39
C VAL B 323 -3.60 -9.29 -4.15
N LEU B 324 -3.23 -9.81 -3.00
CA LEU B 324 -3.88 -9.32 -1.78
C LEU B 324 -3.77 -7.80 -1.64
N GLU B 325 -2.56 -7.26 -1.76
CA GLU B 325 -2.39 -5.81 -1.67
C GLU B 325 -3.22 -5.09 -2.72
N TYR B 326 -3.29 -5.61 -3.94
CA TYR B 326 -4.08 -4.97 -5.02
C TYR B 326 -5.59 -5.06 -4.68
N LEU B 327 -6.02 -6.23 -4.21
CA LEU B 327 -7.44 -6.39 -3.97
C LEU B 327 -7.93 -5.73 -2.65
N HIS B 328 -6.99 -5.49 -1.71
CA HIS B 328 -7.33 -4.91 -0.39
C HIS B 328 -7.95 -5.99 0.48
N LEU B 329 -7.17 -7.04 0.69
CA LEU B 329 -7.67 -8.22 1.34
C LEU B 329 -6.57 -8.78 2.25
CAA PBD C . -7.15 25.89 30.86
CAB PBD C . -1.85 25.95 30.04
SAC PBD C . -1.89 19.19 32.66
CAD PBD C . -6.10 18.42 25.12
CAE PBD C . -5.03 22.60 32.10
CAF PBD C . -5.81 23.69 31.66
CAG PBD C . -5.07 18.23 25.97
CAH PBD C . -6.98 17.81 27.05
CAI PBD C . -3.01 23.77 31.38
CAJ PBD C . -4.63 18.95 28.96
CAK PBD C . -3.85 18.70 30.27
CAL PBD C . -4.90 17.57 28.38
NAM PBD C . -7.24 18.10 25.80
NAN PBD C . -3.80 20.04 30.90
NAO PBD C . -2.92 21.64 32.42
OAP PBD C . -5.77 25.86 30.59
OAQ PBD C . -3.32 26.01 30.34
CAR PBD C . -2.96 20.38 31.93
CAS PBD C . -3.64 22.65 31.97
CAT PBD C . -5.15 24.77 31.07
CAU PBD C . -3.79 24.85 30.93
NAV PBD C . -5.65 17.82 27.13
ZN ZN D . -9.19 18.40 24.96
CAA PBD E . 15.62 -17.07 -27.04
CAB PBD E . 14.76 -12.35 -24.57
SAC PBD E . 9.33 -11.40 -29.35
CAD PBD E . 6.62 -18.41 -24.76
CAE PBD E . 12.75 -14.47 -28.74
CAF PBD E . 13.72 -15.37 -28.24
CAG PBD E . 6.59 -17.13 -25.09
CAH PBD E . 7.00 -18.35 -26.90
CAI PBD E . 13.37 -12.89 -27.01
CAJ PBD E . 8.30 -15.33 -27.19
CAK PBD E . 8.52 -14.20 -28.21
CAL PBD E . 6.84 -15.94 -27.26
NAM PBD E . 6.90 -19.14 -25.87
NAN PBD E . 9.96 -13.81 -28.19
NAO PBD E . 11.70 -12.34 -28.62
OAP PBD E . 15.42 -15.81 -26.49
OAQ PBD E . 15.15 -13.52 -25.35
CAR PBD E . 10.41 -12.62 -28.67
CAS PBD E . 12.59 -13.23 -28.12
CAT PBD E . 14.47 -15.01 -27.09
CAU PBD E . 14.32 -13.78 -26.47
NAV PBD E . 6.78 -17.14 -26.42
ZN ZN F . 7.03 -21.14 -25.78
#